data_6QSZ
#
_entry.id   6QSZ
#
_cell.length_a   65.060
_cell.length_b   68.340
_cell.length_c   77.810
_cell.angle_alpha   72.61
_cell.angle_beta   84.10
_cell.angle_gamma   87.41
#
_symmetry.space_group_name_H-M   'P 1'
#
loop_
_entity.id
_entity.type
_entity.pdbx_description
1 polymer 'Regulatory protein SIR4'
2 polymer 'Silent chromatin protein ESC1'
3 non-polymer 'CHLORIDE ION'
4 water water
#
loop_
_entity_poly.entity_id
_entity_poly.type
_entity_poly.pdbx_seq_one_letter_code
_entity_poly.pdbx_strand_id
1 'polypeptide(L)'
;GPKPKNTKENLSKSSWRQEWLANLKLISVSLVDEFPSELSDSDRQIINEK(MSE)QLLKDIFANNLKSAISNNFRESDII
ILKGEIEDYP(MSE)SSEIKIYYNELQNKPDAKKARFWSF(MSE)KTQRFVSN(MSE)GFDIQ
;
A,C,E,G,I,K,M,O
2 'polypeptide(L)' IPSTDLP(SEP)DPPSDKEE B,D,F,H,J,L,N,P
#
# COMPACT_ATOMS: atom_id res chain seq x y z
N SER A 12 14.67 -15.21 42.70
CA SER A 12 14.95 -15.69 41.36
C SER A 12 14.98 -14.56 40.33
N LYS A 13 14.05 -13.56 40.41
CA LYS A 13 14.16 -12.40 39.53
C LYS A 13 15.42 -11.60 39.95
N SER A 14 15.76 -11.62 41.26
CA SER A 14 16.94 -10.97 41.86
C SER A 14 18.20 -11.56 41.26
N SER A 15 18.28 -12.91 41.17
CA SER A 15 19.39 -13.67 40.60
C SER A 15 19.51 -13.38 39.08
N TRP A 16 18.35 -13.37 38.38
CA TRP A 16 18.18 -13.08 36.96
C TRP A 16 18.67 -11.67 36.65
N ARG A 17 18.43 -10.69 37.57
CA ARG A 17 18.88 -9.30 37.40
C ARG A 17 20.40 -9.20 37.58
N GLN A 18 20.96 -9.86 38.61
CA GLN A 18 22.39 -9.83 38.87
C GLN A 18 23.21 -10.46 37.73
N GLU A 19 22.69 -11.56 37.15
CA GLU A 19 23.25 -12.26 35.99
C GLU A 19 23.24 -11.31 34.80
N TRP A 20 22.13 -10.57 34.59
CA TRP A 20 21.97 -9.61 33.50
C TRP A 20 22.82 -8.39 33.67
N LEU A 21 22.97 -7.91 34.91
CA LEU A 21 23.75 -6.73 35.25
C LEU A 21 25.23 -6.93 34.98
N ALA A 22 25.79 -8.06 35.46
CA ALA A 22 27.18 -8.46 35.27
C ALA A 22 27.46 -8.60 33.76
N ASN A 23 26.55 -9.28 33.01
CA ASN A 23 26.64 -9.49 31.56
C ASN A 23 26.52 -8.22 30.76
N LEU A 24 25.75 -7.22 31.23
CA LEU A 24 25.59 -5.96 30.48
C LEU A 24 26.89 -5.15 30.37
N LYS A 25 27.80 -5.31 31.33
CA LYS A 25 29.14 -4.65 31.39
C LYS A 25 30.03 -5.11 30.22
N LEU A 26 29.76 -6.34 29.70
CA LEU A 26 30.47 -6.96 28.58
C LEU A 26 29.61 -7.03 27.28
N ILE A 27 28.54 -6.24 27.17
CA ILE A 27 27.65 -6.21 26.00
C ILE A 27 27.82 -4.87 25.23
N SER A 28 27.64 -4.91 23.89
CA SER A 28 27.61 -3.76 22.98
C SER A 28 26.14 -3.55 22.58
N VAL A 29 25.61 -2.33 22.73
CA VAL A 29 24.22 -1.96 22.42
C VAL A 29 24.17 -0.95 21.28
N SER A 30 23.23 -1.14 20.35
CA SER A 30 23.03 -0.26 19.22
C SER A 30 21.60 0.21 19.20
N LEU A 31 21.41 1.50 18.94
CA LEU A 31 20.09 2.12 18.89
C LEU A 31 19.90 2.63 17.46
N VAL A 32 19.03 1.95 16.71
CA VAL A 32 18.73 2.26 15.29
C VAL A 32 18.06 3.65 15.12
N ASP A 33 18.29 4.28 13.95
CA ASP A 33 17.74 5.59 13.60
C ASP A 33 16.47 5.46 12.74
N GLU A 34 16.27 4.29 12.14
CA GLU A 34 15.14 3.99 11.28
C GLU A 34 13.83 3.82 12.05
N PHE A 35 12.78 4.48 11.55
CA PHE A 35 11.42 4.33 12.04
C PHE A 35 10.79 3.28 11.15
N PRO A 36 10.04 2.28 11.70
CA PRO A 36 9.46 1.24 10.82
C PRO A 36 8.36 1.73 9.91
N SER A 37 7.48 2.58 10.45
CA SER A 37 6.27 3.06 9.80
C SER A 37 6.05 4.57 9.96
N GLU A 38 4.90 5.09 9.47
CA GLU A 38 4.54 6.50 9.52
C GLU A 38 3.94 6.87 10.86
N LEU A 39 4.43 7.98 11.48
CA LEU A 39 3.97 8.50 12.76
C LEU A 39 3.81 9.99 12.69
N SER A 40 3.17 10.58 13.72
CA SER A 40 3.11 12.03 13.79
C SER A 40 4.46 12.58 14.26
N ASP A 41 4.68 13.91 14.10
CA ASP A 41 5.90 14.57 14.58
C ASP A 41 6.00 14.43 16.11
N SER A 42 4.84 14.41 16.83
CA SER A 42 4.71 14.22 18.28
C SER A 42 5.20 12.83 18.69
N ASP A 43 4.68 11.78 18.01
CA ASP A 43 5.03 10.37 18.25
C ASP A 43 6.50 10.15 17.98
N ARG A 44 7.04 10.76 16.89
CA ARG A 44 8.46 10.73 16.48
C ARG A 44 9.34 11.28 17.61
N GLN A 45 8.99 12.47 18.11
CA GLN A 45 9.66 13.19 19.21
C GLN A 45 9.69 12.39 20.52
N ILE A 46 8.54 11.78 20.90
CA ILE A 46 8.41 10.95 22.10
C ILE A 46 9.36 9.74 22.00
N ILE A 47 9.38 9.05 20.85
CA ILE A 47 10.25 7.89 20.63
C ILE A 47 11.72 8.31 20.75
N ASN A 48 12.13 9.37 20.00
CA ASN A 48 13.49 9.94 19.99
C ASN A 48 13.99 10.27 21.40
N GLU A 49 13.14 10.89 22.24
CA GLU A 49 13.44 11.19 23.63
C GLU A 49 13.74 9.90 24.41
N LYS A 50 12.89 8.89 24.29
CA LYS A 50 13.06 7.58 24.94
C LYS A 50 14.32 6.89 24.49
N GLN A 52 17.06 8.29 23.43
CA GLN A 52 18.14 9.02 24.04
C GLN A 52 18.26 8.67 25.55
N LEU A 53 17.14 8.57 26.24
CA LEU A 53 17.09 8.22 27.66
C LEU A 53 17.62 6.84 27.89
N LEU A 54 17.24 5.92 26.98
CA LEU A 54 17.64 4.52 26.97
C LEU A 54 19.12 4.39 26.72
N LYS A 55 19.65 5.19 25.77
CA LYS A 55 21.08 5.21 25.42
C LYS A 55 21.89 5.60 26.69
N ASP A 56 21.42 6.62 27.45
CA ASP A 56 22.05 7.08 28.70
C ASP A 56 22.04 6.02 29.80
N ILE A 57 20.93 5.27 29.93
CA ILE A 57 20.79 4.21 30.92
C ILE A 57 21.77 3.09 30.63
N PHE A 58 21.90 2.70 29.36
CA PHE A 58 22.83 1.63 28.95
C PHE A 58 24.28 2.01 29.13
N ALA A 59 24.65 3.25 28.78
CA ALA A 59 26.03 3.69 28.88
C ALA A 59 26.48 4.07 30.28
N ASN A 60 25.66 4.82 31.01
CA ASN A 60 26.02 5.34 32.35
C ASN A 60 25.57 4.49 33.51
N ASN A 61 24.43 3.83 33.42
CA ASN A 61 23.93 3.03 34.54
C ASN A 61 24.24 1.55 34.38
N LEU A 62 23.98 0.99 33.20
CA LEU A 62 24.20 -0.43 32.93
C LEU A 62 25.65 -0.74 32.57
N LYS A 63 26.40 0.29 32.11
CA LYS A 63 27.83 0.28 31.76
C LYS A 63 28.16 -0.52 30.49
N SER A 64 27.21 -0.57 29.56
CA SER A 64 27.39 -1.24 28.27
C SER A 64 28.11 -0.33 27.30
N ALA A 65 28.70 -0.93 26.26
CA ALA A 65 29.36 -0.17 25.20
C ALA A 65 28.28 0.19 24.21
N ILE A 66 28.39 1.37 23.59
CA ILE A 66 27.42 1.81 22.61
C ILE A 66 28.07 1.65 21.26
N SER A 67 27.44 0.85 20.42
CA SER A 67 27.96 0.56 19.08
C SER A 67 27.26 1.42 18.07
N ASN A 68 28.01 1.93 17.09
CA ASN A 68 27.48 2.74 16.01
C ASN A 68 27.09 1.87 14.81
N ASN A 69 27.48 0.61 14.85
CA ASN A 69 27.18 -0.37 13.82
C ASN A 69 26.32 -1.47 14.45
N PHE A 70 25.05 -1.58 14.03
CA PHE A 70 24.14 -2.59 14.59
C PHE A 70 24.54 -4.04 14.22
N ARG A 71 25.39 -4.20 13.18
CA ARG A 71 25.89 -5.50 12.71
C ARG A 71 27.04 -5.95 13.62
N GLU A 72 27.55 -5.01 14.47
CA GLU A 72 28.61 -5.23 15.45
C GLU A 72 28.12 -4.91 16.87
N SER A 73 26.93 -5.38 17.27
CA SER A 73 26.39 -5.22 18.63
C SER A 73 25.58 -6.43 19.05
N ASP A 74 25.47 -6.68 20.36
CA ASP A 74 24.80 -7.83 20.94
C ASP A 74 23.31 -7.63 21.11
N ILE A 75 22.90 -6.37 21.41
CA ILE A 75 21.49 -5.96 21.58
C ILE A 75 21.23 -4.75 20.70
N ILE A 76 20.16 -4.81 19.87
CA ILE A 76 19.74 -3.76 18.94
C ILE A 76 18.37 -3.18 19.40
N ILE A 77 18.35 -1.88 19.76
CA ILE A 77 17.15 -1.15 20.23
C ILE A 77 16.47 -0.52 19.01
N LEU A 78 15.20 -0.90 18.79
CA LEU A 78 14.43 -0.46 17.63
C LEU A 78 13.40 0.60 17.95
N LYS A 79 13.00 1.39 16.93
CA LYS A 79 11.96 2.43 17.08
C LYS A 79 10.53 1.83 16.89
N GLY A 80 10.42 0.52 17.02
CA GLY A 80 9.21 -0.29 16.89
C GLY A 80 9.58 -1.75 16.92
N GLU A 81 8.65 -2.62 16.58
CA GLU A 81 8.82 -4.08 16.49
C GLU A 81 9.48 -4.40 15.15
N ILE A 82 10.31 -5.44 15.09
CA ILE A 82 11.01 -5.80 13.86
C ILE A 82 10.02 -6.16 12.72
N GLU A 83 8.88 -6.78 13.05
CA GLU A 83 7.84 -7.15 12.09
C GLU A 83 7.16 -5.92 11.43
N ASP A 84 7.32 -4.73 12.04
CA ASP A 84 6.78 -3.48 11.52
C ASP A 84 7.74 -2.82 10.52
N TYR A 85 9.03 -3.23 10.55
CA TYR A 85 10.05 -2.71 9.64
C TYR A 85 9.86 -3.22 8.20
N PRO A 86 10.04 -2.33 7.18
CA PRO A 86 9.86 -2.76 5.78
C PRO A 86 11.00 -3.65 5.26
N SER A 88 12.77 -3.36 2.58
CA SER A 88 13.81 -2.47 2.04
C SER A 88 14.77 -1.92 3.09
N SER A 89 14.34 -1.90 4.37
CA SER A 89 15.15 -1.41 5.48
C SER A 89 16.34 -2.34 5.75
N GLU A 90 17.54 -1.75 5.92
CA GLU A 90 18.80 -2.45 6.17
C GLU A 90 18.75 -3.25 7.46
N ILE A 91 18.00 -2.74 8.45
CA ILE A 91 17.87 -3.41 9.75
C ILE A 91 17.07 -4.73 9.61
N LYS A 92 16.04 -4.75 8.74
CA LYS A 92 15.21 -5.92 8.47
C LYS A 92 15.94 -6.88 7.52
N ILE A 93 16.71 -6.36 6.55
CA ILE A 93 17.56 -7.16 5.64
C ILE A 93 18.58 -7.97 6.52
N TYR A 94 19.19 -7.28 7.52
CA TYR A 94 20.12 -7.90 8.46
C TYR A 94 19.43 -8.96 9.33
N TYR A 95 18.27 -8.65 9.87
CA TYR A 95 17.46 -9.54 10.69
C TYR A 95 17.17 -10.86 9.96
N ASN A 96 16.73 -10.74 8.68
CA ASN A 96 16.36 -11.84 7.79
C ASN A 96 17.50 -12.80 7.48
N GLU A 97 18.75 -12.28 7.47
CA GLU A 97 19.98 -13.05 7.26
C GLU A 97 20.21 -13.96 8.44
N LEU A 98 20.08 -13.42 9.66
CA LEU A 98 20.29 -14.13 10.93
C LEU A 98 19.26 -15.24 11.20
N GLN A 99 18.18 -15.26 10.42
CA GLN A 99 17.15 -16.30 10.48
C GLN A 99 17.61 -17.39 9.53
N ASN A 100 17.98 -16.99 8.28
CA ASN A 100 18.48 -17.83 7.18
C ASN A 100 19.99 -18.17 7.28
N LYS A 101 20.52 -18.19 8.54
CA LYS A 101 21.89 -18.54 8.94
C LYS A 101 21.95 -18.78 10.47
N PRO A 102 22.62 -19.87 10.95
CA PRO A 102 22.62 -20.16 12.41
C PRO A 102 23.16 -19.05 13.32
N LYS A 106 24.14 -13.80 16.05
CA LYS A 106 23.29 -14.25 17.16
C LYS A 106 22.67 -13.08 18.00
N ALA A 107 22.61 -11.87 17.40
CA ALA A 107 22.15 -10.58 17.93
C ALA A 107 20.70 -10.54 18.41
N ARG A 108 20.40 -9.62 19.36
CA ARG A 108 19.06 -9.44 19.93
C ARG A 108 18.41 -8.21 19.34
N PHE A 109 17.11 -8.30 19.04
CA PHE A 109 16.35 -7.21 18.44
C PHE A 109 15.19 -6.88 19.36
N TRP A 110 15.33 -5.84 20.18
CA TRP A 110 14.28 -5.39 21.09
C TRP A 110 13.69 -4.07 20.62
N SER A 111 12.35 -3.96 20.65
CA SER A 111 11.62 -2.71 20.38
C SER A 111 11.89 -1.76 21.56
N PHE A 112 11.66 -0.45 21.39
CA PHE A 112 11.95 0.47 22.50
C PHE A 112 11.06 0.19 23.74
N LYS A 114 9.81 -2.88 24.69
CA LYS A 114 10.41 -4.09 25.30
C LYS A 114 11.65 -3.69 26.14
N THR A 115 12.53 -2.87 25.57
CA THR A 115 13.75 -2.33 26.12
C THR A 115 13.49 -1.52 27.41
N GLN A 116 12.52 -0.59 27.36
CA GLN A 116 12.07 0.29 28.45
C GLN A 116 11.65 -0.54 29.67
N ARG A 117 10.99 -1.71 29.45
CA ARG A 117 10.51 -2.64 30.47
C ARG A 117 11.68 -3.42 31.06
N PHE A 118 12.62 -3.89 30.20
CA PHE A 118 13.84 -4.60 30.63
C PHE A 118 14.69 -3.71 31.56
N VAL A 119 14.83 -2.42 31.20
CA VAL A 119 15.60 -1.41 31.91
C VAL A 119 14.92 -1.08 33.24
N SER A 120 13.59 -1.14 33.28
CA SER A 120 12.76 -0.97 34.47
C SER A 120 13.09 -2.16 35.42
N ASN A 121 13.16 -3.38 34.83
CA ASN A 121 13.52 -4.64 35.50
C ASN A 121 14.96 -4.67 35.99
N GLY A 123 16.22 -1.92 37.36
CA GLY A 123 16.07 -0.96 38.45
C GLY A 123 16.16 0.49 38.01
N PHE A 124 15.90 0.75 36.69
CA PHE A 124 15.97 2.09 36.09
C PHE A 124 14.75 2.43 35.29
N ASP A 125 14.00 3.45 35.70
CA ASP A 125 12.77 3.83 35.03
C ASP A 125 12.86 5.22 34.40
N ILE A 126 12.73 5.29 33.04
CA ILE A 126 12.75 6.51 32.22
C ILE A 126 11.71 7.52 32.72
N THR B 4 25.42 -16.00 28.68
CA THR B 4 25.39 -14.73 27.95
C THR B 4 24.05 -14.60 27.19
N ASP B 5 23.38 -15.76 26.92
CA ASP B 5 22.08 -15.81 26.22
C ASP B 5 20.98 -16.43 27.13
N LEU B 6 20.73 -15.74 28.26
CA LEU B 6 19.68 -16.01 29.24
C LEU B 6 18.44 -15.17 28.83
N PRO B 7 17.19 -15.51 29.20
CA PRO B 7 16.04 -14.72 28.71
C PRO B 7 16.01 -13.27 29.11
N ASP B 9 13.25 -11.67 29.35
CA ASP B 9 12.07 -11.61 30.20
C ASP B 9 12.34 -12.28 31.55
N PRO B 10 11.88 -11.69 32.68
CA PRO B 10 12.13 -12.29 34.01
C PRO B 10 11.51 -13.67 34.15
N PRO B 11 12.04 -14.53 35.06
CA PRO B 11 11.45 -15.88 35.23
C PRO B 11 9.98 -15.85 35.71
N SER B 12 9.15 -16.76 35.13
CA SER B 12 7.71 -16.91 35.38
C SER B 12 7.42 -17.93 36.48
N LEU C 11 10.73 -7.54 -34.01
CA LEU C 11 12.16 -7.55 -34.30
C LEU C 11 12.89 -6.55 -33.40
N SER C 12 12.95 -5.26 -33.77
CA SER C 12 13.56 -4.19 -32.97
C SER C 12 12.65 -3.88 -31.77
N LYS C 13 13.17 -3.10 -30.80
CA LYS C 13 12.40 -2.72 -29.62
C LYS C 13 11.17 -1.88 -29.98
N SER C 14 11.30 -1.00 -31.02
CA SER C 14 10.22 -0.14 -31.54
C SER C 14 9.09 -1.00 -32.09
N SER C 15 9.45 -2.02 -32.89
CA SER C 15 8.54 -2.99 -33.51
C SER C 15 7.87 -3.86 -32.46
N TRP C 16 8.65 -4.29 -31.44
CA TRP C 16 8.22 -5.09 -30.30
C TRP C 16 7.17 -4.34 -29.48
N ARG C 17 7.42 -3.04 -29.20
CA ARG C 17 6.53 -2.17 -28.43
C ARG C 17 5.21 -1.94 -29.15
N GLN C 18 5.26 -1.67 -30.47
CA GLN C 18 4.07 -1.48 -31.31
C GLN C 18 3.19 -2.72 -31.36
N GLU C 19 3.83 -3.90 -31.45
CA GLU C 19 3.16 -5.19 -31.45
C GLU C 19 2.46 -5.41 -30.09
N TRP C 20 3.13 -5.09 -28.97
CA TRP C 20 2.56 -5.19 -27.61
C TRP C 20 1.40 -4.23 -27.40
N LEU C 21 1.56 -2.95 -27.84
CA LEU C 21 0.53 -1.91 -27.77
C LEU C 21 -0.80 -2.34 -28.44
N ALA C 22 -0.71 -2.97 -29.61
CA ALA C 22 -1.88 -3.43 -30.36
C ALA C 22 -2.54 -4.61 -29.67
N ASN C 23 -1.73 -5.54 -29.12
CA ASN C 23 -2.22 -6.70 -28.38
C ASN C 23 -2.90 -6.31 -27.07
N LEU C 24 -2.35 -5.33 -26.34
CA LEU C 24 -2.89 -4.87 -25.04
C LEU C 24 -4.30 -4.31 -25.12
N LYS C 25 -4.68 -3.83 -26.31
CA LYS C 25 -6.02 -3.29 -26.58
C LYS C 25 -7.06 -4.43 -26.60
N LEU C 26 -6.57 -5.68 -26.82
CA LEU C 26 -7.34 -6.91 -26.91
C LEU C 26 -7.04 -7.89 -25.76
N ILE C 27 -6.49 -7.39 -24.62
CA ILE C 27 -6.22 -8.28 -23.52
C ILE C 27 -6.94 -7.78 -22.23
N SER C 28 -7.23 -8.75 -21.31
CA SER C 28 -7.83 -8.54 -20.00
C SER C 28 -6.74 -8.68 -18.98
N VAL C 29 -6.61 -7.66 -18.12
CA VAL C 29 -5.61 -7.63 -17.06
C VAL C 29 -6.26 -7.75 -15.69
N SER C 30 -5.64 -8.53 -14.81
CA SER C 30 -6.11 -8.67 -13.43
C SER C 30 -4.96 -8.41 -12.51
N LEU C 31 -5.17 -7.54 -11.52
CA LEU C 31 -4.22 -7.18 -10.47
C LEU C 31 -4.76 -7.85 -9.18
N VAL C 32 -4.01 -8.87 -8.71
CA VAL C 32 -4.38 -9.69 -7.54
C VAL C 32 -4.46 -8.91 -6.23
N ASP C 33 -5.20 -9.46 -5.27
CA ASP C 33 -5.36 -8.88 -3.92
C ASP C 33 -4.34 -9.42 -2.95
N GLU C 34 -4.00 -10.71 -3.06
CA GLU C 34 -3.10 -11.41 -2.17
C GLU C 34 -1.69 -10.91 -2.23
N PHE C 35 -1.04 -10.90 -1.07
CA PHE C 35 0.34 -10.47 -0.95
C PHE C 35 1.28 -11.68 -0.75
N PRO C 36 2.59 -11.54 -1.06
CA PRO C 36 3.53 -12.62 -0.70
C PRO C 36 3.72 -12.63 0.82
N SER C 37 4.03 -13.80 1.39
CA SER C 37 4.18 -14.02 2.84
C SER C 37 5.10 -13.02 3.58
N GLU C 38 4.78 -12.79 4.89
CA GLU C 38 5.47 -11.95 5.89
C GLU C 38 5.82 -10.47 5.44
N LEU C 39 4.81 -9.59 5.29
CA LEU C 39 5.07 -8.18 4.97
C LEU C 39 4.59 -7.28 6.13
N SER C 40 5.09 -6.04 6.19
CA SER C 40 4.67 -5.07 7.20
C SER C 40 3.53 -4.22 6.61
N ASP C 41 2.86 -3.42 7.46
CA ASP C 41 1.78 -2.51 7.02
C ASP C 41 2.34 -1.49 6.04
N SER C 42 3.61 -1.05 6.24
CA SER C 42 4.39 -0.11 5.42
C SER C 42 4.60 -0.69 4.06
N ASP C 43 5.14 -1.93 3.99
CA ASP C 43 5.42 -2.65 2.76
C ASP C 43 4.17 -2.85 1.97
N ARG C 44 3.08 -3.28 2.61
CA ARG C 44 1.79 -3.49 1.96
C ARG C 44 1.21 -2.22 1.34
N GLN C 45 1.32 -1.09 2.05
CA GLN C 45 0.89 0.23 1.57
C GLN C 45 1.72 0.69 0.35
N ILE C 46 3.06 0.54 0.38
CA ILE C 46 3.96 0.92 -0.71
C ILE C 46 3.61 0.12 -1.99
N ILE C 47 3.47 -1.22 -1.86
CA ILE C 47 3.08 -2.10 -2.95
C ILE C 47 1.75 -1.65 -3.54
N ASN C 48 0.73 -1.48 -2.68
CA ASN C 48 -0.63 -1.08 -3.05
C ASN C 48 -0.68 0.23 -3.84
N GLU C 49 0.09 1.25 -3.41
CA GLU C 49 0.19 2.55 -4.10
C GLU C 49 0.72 2.37 -5.55
N LYS C 50 1.71 1.46 -5.71
CA LYS C 50 2.32 1.10 -7.00
C LYS C 50 1.37 0.30 -7.87
N GLN C 52 -1.93 0.43 -7.71
CA GLN C 52 -2.94 1.42 -8.12
C GLN C 52 -2.46 2.20 -9.36
N LEU C 53 -1.17 2.57 -9.40
CA LEU C 53 -0.52 3.28 -10.50
C LEU C 53 -0.48 2.43 -11.77
N LEU C 54 -0.14 1.12 -11.64
CA LEU C 54 -0.08 0.13 -12.72
C LEU C 54 -1.46 -0.11 -13.32
N LYS C 55 -2.51 -0.20 -12.46
CA LYS C 55 -3.91 -0.37 -12.86
C LYS C 55 -4.31 0.76 -13.80
N ASP C 56 -3.95 1.99 -13.42
CA ASP C 56 -4.22 3.20 -14.21
C ASP C 56 -3.48 3.18 -15.55
N ILE C 57 -2.22 2.70 -15.55
CA ILE C 57 -1.40 2.60 -16.75
C ILE C 57 -2.01 1.59 -17.71
N PHE C 58 -2.44 0.42 -17.21
CA PHE C 58 -3.07 -0.61 -18.04
C PHE C 58 -4.41 -0.19 -18.61
N ALA C 59 -5.24 0.46 -17.81
CA ALA C 59 -6.57 0.86 -18.27
C ALA C 59 -6.60 2.12 -19.13
N ASN C 60 -5.85 3.17 -18.76
CA ASN C 60 -5.89 4.45 -19.46
C ASN C 60 -4.81 4.64 -20.49
N ASN C 61 -3.62 4.09 -20.28
CA ASN C 61 -2.52 4.28 -21.24
C ASN C 61 -2.37 3.11 -22.22
N LEU C 62 -2.39 1.87 -21.68
CA LEU C 62 -2.25 0.65 -22.48
C LEU C 62 -3.59 0.19 -23.08
N LYS C 63 -4.72 0.74 -22.57
CA LYS C 63 -6.12 0.54 -23.01
C LYS C 63 -6.64 -0.93 -22.88
N SER C 64 -6.15 -1.68 -21.84
CA SER C 64 -6.57 -3.07 -21.53
C SER C 64 -7.85 -3.03 -20.69
N ALA C 65 -8.55 -4.19 -20.61
CA ALA C 65 -9.76 -4.33 -19.80
C ALA C 65 -9.35 -4.82 -18.40
N ILE C 66 -9.76 -4.10 -17.35
CA ILE C 66 -9.43 -4.52 -15.98
C ILE C 66 -10.46 -5.57 -15.55
N SER C 67 -9.99 -6.75 -15.17
CA SER C 67 -10.80 -7.88 -14.71
C SER C 67 -10.73 -8.03 -13.17
N ASN C 68 -11.88 -8.36 -12.57
CA ASN C 68 -12.06 -8.63 -11.16
C ASN C 68 -11.79 -10.10 -10.85
N ASN C 69 -11.78 -10.94 -11.88
CA ASN C 69 -11.56 -12.37 -11.75
C ASN C 69 -10.29 -12.67 -12.49
N PHE C 70 -9.24 -13.09 -11.76
CA PHE C 70 -7.93 -13.42 -12.35
C PHE C 70 -7.97 -14.67 -13.22
N ARG C 71 -9.01 -15.50 -13.04
CA ARG C 71 -9.25 -16.73 -13.83
C ARG C 71 -9.85 -16.37 -15.20
N GLU C 72 -10.28 -15.10 -15.36
CA GLU C 72 -10.86 -14.52 -16.58
C GLU C 72 -10.01 -13.35 -17.06
N SER C 73 -8.71 -13.61 -17.27
CA SER C 73 -7.71 -12.61 -17.71
C SER C 73 -6.54 -13.27 -18.45
N ASP C 74 -5.88 -12.48 -19.33
CA ASP C 74 -4.72 -12.93 -20.11
C ASP C 74 -3.38 -12.64 -19.42
N ILE C 75 -3.31 -11.53 -18.66
CA ILE C 75 -2.14 -11.12 -17.87
C ILE C 75 -2.56 -10.88 -16.41
N ILE C 76 -1.84 -11.49 -15.45
CA ILE C 76 -2.08 -11.38 -13.99
C ILE C 76 -0.89 -10.64 -13.34
N ILE C 77 -1.16 -9.53 -12.66
CA ILE C 77 -0.17 -8.73 -11.96
C ILE C 77 -0.17 -9.14 -10.50
N LEU C 78 0.97 -9.65 -10.03
CA LEU C 78 1.17 -10.11 -8.66
C LEU C 78 1.76 -8.99 -7.80
N LYS C 79 1.64 -9.10 -6.47
CA LYS C 79 2.20 -8.13 -5.52
C LYS C 79 3.64 -8.53 -5.05
N GLY C 80 4.21 -9.50 -5.72
CA GLY C 80 5.55 -10.03 -5.47
C GLY C 80 5.85 -11.15 -6.43
N GLU C 81 6.92 -11.92 -6.14
CA GLU C 81 7.28 -13.07 -6.97
C GLU C 81 6.36 -14.22 -6.60
N ILE C 82 5.96 -15.05 -7.58
CA ILE C 82 5.04 -16.16 -7.34
C ILE C 82 5.63 -17.19 -6.31
N GLU C 83 6.95 -17.37 -6.30
CA GLU C 83 7.67 -18.25 -5.36
C GLU C 83 7.56 -17.78 -3.90
N ASP C 84 7.26 -16.49 -3.69
CA ASP C 84 7.10 -15.89 -2.36
C ASP C 84 5.66 -16.06 -1.80
N TYR C 85 4.71 -16.41 -2.69
CA TYR C 85 3.32 -16.63 -2.31
C TYR C 85 3.17 -17.99 -1.62
N PRO C 86 2.34 -18.10 -0.57
CA PRO C 86 2.18 -19.40 0.09
C PRO C 86 1.33 -20.35 -0.73
N SER C 88 -1.19 -22.10 0.16
CA SER C 88 -2.58 -21.92 0.60
C SER C 88 -3.31 -20.78 -0.12
N SER C 89 -2.55 -19.79 -0.64
CA SER C 89 -3.14 -18.65 -1.36
C SER C 89 -3.83 -19.08 -2.69
N GLU C 90 -4.99 -18.44 -2.97
CA GLU C 90 -5.88 -18.65 -4.11
C GLU C 90 -5.18 -18.51 -5.47
N ILE C 91 -4.26 -17.53 -5.58
CA ILE C 91 -3.50 -17.25 -6.79
C ILE C 91 -2.42 -18.33 -7.02
N LYS C 92 -1.67 -18.76 -5.97
CA LYS C 92 -0.64 -19.80 -6.11
C LYS C 92 -1.32 -21.15 -6.46
N ILE C 93 -2.55 -21.38 -5.93
CA ILE C 93 -3.38 -22.55 -6.24
C ILE C 93 -3.70 -22.56 -7.75
N TYR C 94 -4.11 -21.40 -8.30
CA TYR C 94 -4.42 -21.24 -9.71
C TYR C 94 -3.17 -21.35 -10.58
N TYR C 95 -2.02 -20.80 -10.10
CA TYR C 95 -0.73 -20.87 -10.80
C TYR C 95 -0.31 -22.32 -11.01
N ASN C 96 -0.34 -23.13 -9.93
CA ASN C 96 0.00 -24.55 -9.91
C ASN C 96 -0.99 -25.41 -10.72
N GLU C 97 -2.24 -24.93 -10.81
CA GLU C 97 -3.33 -25.56 -11.56
C GLU C 97 -2.98 -25.51 -13.05
N LEU C 98 -2.51 -24.32 -13.53
CA LEU C 98 -2.12 -24.07 -14.91
C LEU C 98 -0.79 -24.72 -15.30
N GLN C 99 0.11 -24.96 -14.32
CA GLN C 99 1.42 -25.59 -14.56
C GLN C 99 1.25 -27.01 -15.14
N ASN C 100 0.31 -27.76 -14.55
CA ASN C 100 -0.02 -29.15 -14.87
C ASN C 100 -0.82 -29.32 -16.18
N LYS C 101 -1.85 -28.49 -16.41
CA LYS C 101 -2.71 -28.60 -17.61
C LYS C 101 -2.23 -27.69 -18.76
N PRO C 102 -1.85 -28.28 -19.95
CA PRO C 102 -1.36 -27.45 -21.07
C PRO C 102 -2.38 -26.45 -21.65
N LYS C 106 -3.76 -21.09 -20.04
CA LYS C 106 -2.87 -20.14 -20.72
C LYS C 106 -3.08 -18.69 -20.22
N ALA C 107 -2.30 -18.29 -19.17
CA ALA C 107 -2.28 -16.94 -18.56
C ALA C 107 -0.84 -16.54 -18.16
N ARG C 108 -0.52 -15.24 -18.32
CA ARG C 108 0.80 -14.73 -17.95
C ARG C 108 0.76 -14.26 -16.47
N PHE C 109 1.73 -14.69 -15.67
CA PHE C 109 1.84 -14.29 -14.27
C PHE C 109 3.06 -13.42 -14.15
N TRP C 110 2.85 -12.12 -13.96
CA TRP C 110 3.95 -11.18 -13.86
C TRP C 110 4.09 -10.67 -12.45
N SER C 111 5.31 -10.73 -11.89
CA SER C 111 5.58 -10.17 -10.56
C SER C 111 5.39 -8.66 -10.69
N PHE C 112 5.19 -7.94 -9.58
CA PHE C 112 4.95 -6.53 -9.72
C PHE C 112 6.21 -5.77 -10.20
N LYS C 114 8.43 -7.16 -12.47
CA LYS C 114 8.47 -7.47 -13.91
C LYS C 114 7.51 -6.51 -14.64
N THR C 115 6.31 -6.28 -14.05
CA THR C 115 5.27 -5.39 -14.56
C THR C 115 5.80 -3.95 -14.63
N GLN C 116 6.51 -3.51 -13.58
CA GLN C 116 7.12 -2.20 -13.53
C GLN C 116 8.10 -2.00 -14.70
N ARG C 117 8.92 -3.05 -15.02
CA ARG C 117 9.87 -3.08 -16.12
C ARG C 117 9.13 -3.02 -17.46
N PHE C 118 8.07 -3.85 -17.62
CA PHE C 118 7.28 -3.93 -18.86
C PHE C 118 6.69 -2.57 -19.19
N VAL C 119 5.96 -2.01 -18.21
CA VAL C 119 5.30 -0.70 -18.29
C VAL C 119 6.32 0.40 -18.65
N SER C 120 7.56 0.29 -18.13
CA SER C 120 8.65 1.22 -18.39
C SER C 120 9.16 1.10 -19.82
N ASN C 121 9.18 -0.14 -20.35
CA ASN C 121 9.58 -0.48 -21.72
C ASN C 121 8.51 -0.04 -22.71
N GLY C 123 6.93 2.77 -22.32
CA GLY C 123 7.10 4.22 -22.32
C GLY C 123 6.40 4.94 -21.19
N PHE C 124 6.09 4.21 -20.09
CA PHE C 124 5.40 4.74 -18.91
C PHE C 124 6.17 4.38 -17.62
N ASP C 125 6.81 5.37 -16.95
CA ASP C 125 7.64 5.12 -15.76
C ASP C 125 7.00 5.37 -14.40
N ILE C 126 7.66 4.88 -13.32
CA ILE C 126 7.27 5.00 -11.90
C ILE C 126 8.55 5.24 -11.05
N THR D 4 1.77 -14.06 -32.43
CA THR D 4 0.95 -14.81 -31.46
C THR D 4 1.20 -14.35 -29.99
N ASP D 5 2.03 -15.14 -29.20
CA ASP D 5 2.47 -14.97 -27.80
C ASP D 5 3.97 -14.61 -27.79
N LEU D 6 4.22 -13.30 -27.94
CA LEU D 6 5.49 -12.63 -28.06
C LEU D 6 6.15 -12.40 -26.68
N PRO D 7 7.50 -12.23 -26.59
CA PRO D 7 8.13 -12.05 -25.26
C PRO D 7 7.77 -10.78 -24.50
N ASP D 9 9.87 -9.57 -22.39
CA ASP D 9 11.19 -8.93 -22.35
C ASP D 9 11.54 -8.34 -23.72
N PRO D 10 12.08 -7.09 -23.76
CA PRO D 10 12.43 -6.51 -25.06
C PRO D 10 13.60 -7.22 -25.72
N PRO D 11 13.75 -7.11 -27.07
CA PRO D 11 14.91 -7.75 -27.73
C PRO D 11 16.28 -7.14 -27.36
N SER D 12 17.38 -7.89 -27.64
CA SER D 12 18.77 -7.45 -27.41
C SER D 12 19.16 -6.30 -28.35
N ASN E 10 -23.14 -8.04 -59.74
CA ASN E 10 -23.14 -8.84 -60.96
C ASN E 10 -21.91 -9.80 -61.09
N LEU E 11 -21.04 -9.85 -60.06
CA LEU E 11 -19.84 -10.69 -60.02
C LEU E 11 -20.02 -11.91 -59.08
N SER E 12 -19.31 -13.05 -59.35
CA SER E 12 -19.45 -14.30 -58.59
C SER E 12 -18.74 -14.22 -57.23
N LYS E 13 -19.03 -15.19 -56.34
CA LYS E 13 -18.41 -15.21 -55.02
C LYS E 13 -16.90 -15.39 -55.11
N SER E 14 -16.44 -16.24 -56.07
CA SER E 14 -15.02 -16.53 -56.34
C SER E 14 -14.30 -15.27 -56.76
N SER E 15 -14.90 -14.50 -57.69
CA SER E 15 -14.40 -13.23 -58.21
C SER E 15 -14.39 -12.16 -57.14
N TRP E 16 -15.46 -12.11 -56.31
CA TRP E 16 -15.63 -11.21 -55.16
C TRP E 16 -14.52 -11.42 -54.12
N ARG E 17 -14.25 -12.70 -53.77
CA ARG E 17 -13.24 -13.11 -52.81
C ARG E 17 -11.84 -12.74 -53.28
N GLN E 18 -11.51 -13.00 -54.55
CA GLN E 18 -10.22 -12.68 -55.17
C GLN E 18 -9.96 -11.18 -55.18
N GLU E 19 -11.00 -10.39 -55.46
CA GLU E 19 -10.96 -8.93 -55.47
C GLU E 19 -10.66 -8.40 -54.04
N TRP E 20 -11.33 -9.01 -53.02
CA TRP E 20 -11.11 -8.67 -51.61
C TRP E 20 -9.71 -9.03 -51.15
N LEU E 21 -9.25 -10.24 -51.52
CA LEU E 21 -7.91 -10.75 -51.17
C LEU E 21 -6.78 -9.84 -51.64
N ALA E 22 -6.90 -9.28 -52.84
CA ALA E 22 -5.92 -8.38 -53.44
C ALA E 22 -5.94 -7.04 -52.74
N ASN E 23 -7.13 -6.55 -52.37
CA ASN E 23 -7.31 -5.29 -51.66
C ASN E 23 -6.73 -5.35 -50.26
N LEU E 24 -6.97 -6.48 -49.54
CA LEU E 24 -6.52 -6.68 -48.16
C LEU E 24 -5.01 -6.59 -47.97
N LYS E 25 -4.25 -6.87 -49.03
CA LYS E 25 -2.78 -6.81 -49.04
C LYS E 25 -2.30 -5.36 -49.01
N LEU E 26 -3.21 -4.42 -49.39
CA LEU E 26 -2.94 -2.99 -49.47
C LEU E 26 -3.74 -2.17 -48.45
N ILE E 27 -4.33 -2.85 -47.45
CA ILE E 27 -5.12 -2.13 -46.45
C ILE E 27 -4.50 -2.26 -45.09
N SER E 28 -4.92 -1.32 -44.21
CA SER E 28 -4.54 -1.22 -42.80
C SER E 28 -5.77 -1.54 -41.97
N VAL E 29 -5.61 -2.48 -41.03
CA VAL E 29 -6.68 -2.90 -40.11
C VAL E 29 -6.39 -2.45 -38.68
N SER E 30 -7.40 -1.93 -37.99
CA SER E 30 -7.31 -1.55 -36.57
C SER E 30 -8.41 -2.30 -35.84
N LEU E 31 -8.05 -2.91 -34.72
CA LEU E 31 -8.95 -3.65 -33.82
C LEU E 31 -9.03 -2.78 -32.57
N VAL E 32 -10.21 -2.18 -32.33
CA VAL E 32 -10.46 -1.23 -31.23
C VAL E 32 -10.31 -1.86 -29.82
N ASP E 33 -10.04 -1.03 -28.81
CA ASP E 33 -9.91 -1.43 -27.39
C ASP E 33 -11.24 -1.38 -26.65
N GLU E 34 -12.08 -0.35 -26.93
CA GLU E 34 -13.36 -0.10 -26.27
C GLU E 34 -14.37 -1.18 -26.50
N PHE E 35 -15.15 -1.47 -25.45
CA PHE E 35 -16.24 -2.45 -25.48
C PHE E 35 -17.58 -1.74 -25.61
N PRO E 36 -18.59 -2.37 -26.25
CA PRO E 36 -19.88 -1.70 -26.38
C PRO E 36 -20.48 -1.24 -25.03
N SER E 37 -21.36 -2.04 -24.43
CA SER E 37 -22.00 -1.66 -23.19
C SER E 37 -21.38 -2.45 -22.04
N GLU E 38 -22.06 -2.46 -20.86
CA GLU E 38 -21.65 -3.22 -19.69
C GLU E 38 -21.74 -4.71 -20.01
N LEU E 39 -20.62 -5.39 -19.85
CA LEU E 39 -20.43 -6.83 -20.08
C LEU E 39 -19.81 -7.40 -18.81
N SER E 40 -19.77 -8.73 -18.67
CA SER E 40 -19.17 -9.41 -17.52
C SER E 40 -17.66 -9.63 -17.80
N ASP E 41 -16.87 -10.03 -16.79
CA ASP E 41 -15.44 -10.32 -16.96
C ASP E 41 -15.25 -11.47 -17.97
N SER E 42 -16.18 -12.46 -17.91
CA SER E 42 -16.24 -13.63 -18.78
C SER E 42 -16.52 -13.23 -20.23
N ASP E 43 -17.56 -12.41 -20.45
CA ASP E 43 -17.95 -11.94 -21.78
C ASP E 43 -16.84 -11.15 -22.43
N ARG E 44 -16.19 -10.24 -21.66
CA ARG E 44 -15.09 -9.43 -22.16
C ARG E 44 -13.92 -10.32 -22.59
N GLN E 45 -13.56 -11.34 -21.77
CA GLN E 45 -12.50 -12.31 -22.06
C GLN E 45 -12.78 -13.12 -23.35
N ILE E 46 -14.03 -13.59 -23.54
CA ILE E 46 -14.45 -14.33 -24.73
C ILE E 46 -14.29 -13.48 -25.98
N ILE E 47 -14.77 -12.21 -25.95
CA ILE E 47 -14.63 -11.26 -27.06
C ILE E 47 -13.14 -11.04 -27.39
N ASN E 48 -12.33 -10.76 -26.35
CA ASN E 48 -10.89 -10.50 -26.47
C ASN E 48 -10.14 -11.66 -27.11
N GLU E 49 -10.44 -12.91 -26.72
CA GLU E 49 -9.82 -14.11 -27.29
C GLU E 49 -10.13 -14.23 -28.78
N LYS E 50 -11.36 -13.88 -29.19
CA LYS E 50 -11.82 -13.89 -30.59
C LYS E 50 -11.16 -12.75 -31.37
N GLN E 52 -8.22 -11.37 -30.70
CA GLN E 52 -6.83 -11.82 -30.84
C GLN E 52 -6.69 -12.79 -32.03
N LEU E 53 -7.67 -13.69 -32.23
CA LEU E 53 -7.71 -14.65 -33.32
C LEU E 53 -7.89 -13.96 -34.67
N LEU E 54 -8.77 -12.92 -34.72
CA LEU E 54 -9.05 -12.11 -35.92
C LEU E 54 -7.82 -11.32 -36.32
N LYS E 55 -7.10 -10.75 -35.33
CA LYS E 55 -5.86 -10.00 -35.53
C LYS E 55 -4.85 -10.88 -36.28
N ASP E 56 -4.74 -12.14 -35.87
CA ASP E 56 -3.86 -13.14 -36.49
C ASP E 56 -4.30 -13.49 -37.90
N ILE E 57 -5.62 -13.61 -38.13
CA ILE E 57 -6.18 -13.89 -39.46
C ILE E 57 -5.88 -12.75 -40.43
N PHE E 58 -6.08 -11.50 -39.98
CA PHE E 58 -5.81 -10.32 -40.80
C PHE E 58 -4.34 -10.13 -41.12
N ALA E 59 -3.47 -10.35 -40.14
CA ALA E 59 -2.04 -10.17 -40.36
C ALA E 59 -1.35 -11.32 -41.12
N ASN E 60 -1.63 -12.57 -40.73
CA ASN E 60 -0.95 -13.74 -41.29
C ASN E 60 -1.64 -14.39 -42.45
N ASN E 61 -2.97 -14.39 -42.48
CA ASN E 61 -3.69 -15.04 -43.56
C ASN E 61 -4.12 -14.05 -44.65
N LEU E 62 -4.72 -12.92 -44.26
CA LEU E 62 -5.22 -11.92 -45.20
C LEU E 62 -4.14 -10.95 -45.67
N LYS E 63 -3.02 -10.87 -44.91
CA LYS E 63 -1.79 -10.10 -45.21
C LYS E 63 -1.96 -8.58 -45.09
N SER E 64 -2.90 -8.12 -44.25
CA SER E 64 -3.14 -6.70 -43.97
C SER E 64 -2.13 -6.17 -42.96
N ALA E 65 -2.01 -4.84 -42.87
CA ALA E 65 -1.11 -4.19 -41.91
C ALA E 65 -1.94 -3.88 -40.67
N ILE E 66 -1.45 -4.29 -39.49
CA ILE E 66 -2.14 -4.01 -38.23
C ILE E 66 -1.76 -2.60 -37.77
N SER E 67 -2.76 -1.73 -37.59
CA SER E 67 -2.59 -0.34 -37.15
C SER E 67 -3.01 -0.16 -35.67
N ASN E 68 -2.26 0.68 -34.97
CA ASN E 68 -2.54 1.04 -33.59
C ASN E 68 -3.45 2.25 -33.50
N ASN E 69 -3.59 2.98 -34.60
CA ASN E 69 -4.42 4.17 -34.70
C ASN E 69 -5.55 3.85 -35.66
N PHE E 70 -6.80 3.79 -35.14
CA PHE E 70 -7.98 3.49 -35.94
C PHE E 70 -8.32 4.61 -36.93
N ARG E 71 -7.79 5.83 -36.70
CA ARG E 71 -7.97 6.99 -37.57
C ARG E 71 -7.07 6.91 -38.80
N GLU E 72 -6.11 5.98 -38.81
CA GLU E 72 -5.33 5.81 -40.03
C GLU E 72 -5.28 4.31 -40.40
N SER E 73 -6.51 3.82 -40.66
CA SER E 73 -6.82 2.46 -41.11
C SER E 73 -8.01 2.48 -42.07
N ASP E 74 -8.13 1.43 -42.90
CA ASP E 74 -9.18 1.25 -43.88
C ASP E 74 -10.35 0.47 -43.32
N ILE E 75 -10.07 -0.53 -42.47
CA ILE E 75 -11.08 -1.37 -41.82
C ILE E 75 -10.87 -1.34 -40.29
N ILE E 76 -11.96 -1.04 -39.55
CA ILE E 76 -12.01 -0.99 -38.09
C ILE E 76 -12.86 -2.17 -37.55
N ILE E 77 -12.25 -3.05 -36.74
CA ILE E 77 -12.90 -4.19 -36.10
C ILE E 77 -13.35 -3.76 -34.69
N LEU E 78 -14.66 -3.78 -34.45
CA LEU E 78 -15.28 -3.37 -33.19
C LEU E 78 -15.50 -4.59 -32.31
N LYS E 79 -15.71 -4.38 -31.00
CA LYS E 79 -15.98 -5.45 -30.03
C LYS E 79 -17.48 -5.73 -29.84
N GLY E 80 -18.28 -5.15 -30.73
CA GLY E 80 -19.73 -5.26 -30.76
C GLY E 80 -20.30 -4.43 -31.89
N GLU E 81 -21.61 -4.22 -31.88
CA GLU E 81 -22.26 -3.40 -32.92
C GLU E 81 -22.02 -1.93 -32.58
N ILE E 82 -21.82 -1.07 -33.61
CA ILE E 82 -21.54 0.36 -33.38
C ILE E 82 -22.69 1.06 -32.63
N GLU E 83 -23.96 0.63 -32.88
CA GLU E 83 -25.15 1.14 -32.22
C GLU E 83 -25.19 0.85 -30.73
N ASP E 84 -24.41 -0.15 -30.25
CA ASP E 84 -24.30 -0.52 -28.85
C ASP E 84 -23.26 0.30 -28.10
N TYR E 85 -22.35 0.97 -28.84
CA TYR E 85 -21.33 1.81 -28.24
C TYR E 85 -21.95 3.12 -27.72
N PRO E 86 -21.49 3.63 -26.54
CA PRO E 86 -22.04 4.91 -26.05
C PRO E 86 -21.49 6.10 -26.84
N SER E 88 -20.17 8.80 -25.74
CA SER E 88 -18.96 9.24 -25.06
C SER E 88 -17.70 8.47 -25.51
N SER E 89 -17.88 7.26 -26.09
CA SER E 89 -16.78 6.42 -26.55
C SER E 89 -16.08 7.04 -27.76
N GLU E 90 -14.74 7.04 -27.71
CA GLU E 90 -13.85 7.62 -28.71
C GLU E 90 -14.13 7.11 -30.15
N ILE E 91 -14.44 5.80 -30.29
CA ILE E 91 -14.72 5.15 -31.55
C ILE E 91 -16.08 5.59 -32.14
N LYS E 92 -17.11 5.75 -31.27
CA LYS E 92 -18.44 6.22 -31.72
C LYS E 92 -18.32 7.69 -32.13
N ILE E 93 -17.44 8.47 -31.44
CA ILE E 93 -17.14 9.87 -31.75
C ILE E 93 -16.59 9.97 -33.18
N TYR E 94 -15.62 9.11 -33.52
CA TYR E 94 -15.00 9.02 -34.84
C TYR E 94 -15.99 8.54 -35.90
N TYR E 95 -16.84 7.55 -35.55
CA TYR E 95 -17.88 7.00 -36.44
C TYR E 95 -18.83 8.10 -36.89
N ASN E 96 -19.37 8.89 -35.93
CA ASN E 96 -20.30 10.01 -36.13
C ASN E 96 -19.65 11.18 -36.87
N GLU E 97 -18.32 11.33 -36.71
CA GLU E 97 -17.48 12.33 -37.36
C GLU E 97 -17.48 12.05 -38.89
N LEU E 98 -17.29 10.77 -39.27
CA LEU E 98 -17.27 10.31 -40.66
C LEU E 98 -18.66 10.27 -41.32
N GLN E 99 -19.75 10.17 -40.50
CA GLN E 99 -21.15 10.14 -40.99
C GLN E 99 -21.49 11.41 -41.77
N ASN E 100 -21.21 12.59 -41.19
CA ASN E 100 -21.48 13.87 -41.85
C ASN E 100 -20.34 14.27 -42.82
N LYS E 101 -20.13 13.42 -43.85
CA LYS E 101 -19.14 13.57 -44.92
C LYS E 101 -19.70 12.94 -46.18
N LYS E 106 -15.00 6.80 -46.05
CA LYS E 106 -13.54 6.72 -45.93
C LYS E 106 -13.05 5.45 -45.19
N ALA E 107 -13.67 5.08 -44.04
CA ALA E 107 -13.29 3.90 -43.28
C ALA E 107 -14.45 2.94 -43.05
N ARG E 108 -14.16 1.65 -43.01
CA ARG E 108 -15.16 0.60 -42.76
C ARG E 108 -15.23 0.25 -41.28
N PHE E 109 -16.45 0.21 -40.71
CA PHE E 109 -16.68 -0.14 -39.31
C PHE E 109 -17.39 -1.48 -39.30
N TRP E 110 -16.67 -2.53 -38.91
CA TRP E 110 -17.27 -3.85 -38.86
C TRP E 110 -17.40 -4.33 -37.43
N SER E 111 -18.60 -4.82 -37.05
CA SER E 111 -18.82 -5.41 -35.75
C SER E 111 -17.97 -6.67 -35.70
N PHE E 112 -17.70 -7.18 -34.51
CA PHE E 112 -16.82 -8.35 -34.44
C PHE E 112 -17.50 -9.63 -35.03
N LYS E 114 -19.67 -9.43 -37.77
CA LYS E 114 -19.59 -9.20 -39.22
C LYS E 114 -18.21 -9.64 -39.69
N THR E 115 -17.15 -9.30 -38.90
CA THR E 115 -15.75 -9.64 -39.19
C THR E 115 -15.58 -11.16 -39.24
N GLN E 116 -16.21 -11.87 -38.28
CA GLN E 116 -16.18 -13.34 -38.21
C GLN E 116 -16.77 -13.96 -39.49
N ARG E 117 -17.89 -13.38 -40.01
CA ARG E 117 -18.56 -13.79 -41.24
C ARG E 117 -17.68 -13.52 -42.46
N PHE E 118 -17.05 -12.32 -42.51
CA PHE E 118 -16.20 -11.90 -43.62
C PHE E 118 -15.03 -12.86 -43.77
N VAL E 119 -14.32 -13.06 -42.67
CA VAL E 119 -13.16 -13.92 -42.54
C VAL E 119 -13.52 -15.34 -42.97
N SER E 120 -14.75 -15.80 -42.64
CA SER E 120 -15.28 -17.13 -43.01
C SER E 120 -15.52 -17.22 -44.51
N ASN E 121 -15.99 -16.10 -45.11
CA ASN E 121 -16.25 -15.96 -46.54
C ASN E 121 -14.97 -15.87 -47.34
N GLY E 123 -12.38 -17.69 -46.52
CA GLY E 123 -11.91 -19.07 -46.45
C GLY E 123 -11.19 -19.43 -45.16
N PHE E 124 -11.45 -18.67 -44.08
CA PHE E 124 -10.81 -18.83 -42.77
C PHE E 124 -11.85 -18.87 -41.68
N ASP E 125 -12.14 -20.08 -41.17
CA ASP E 125 -13.12 -20.22 -40.08
C ASP E 125 -12.51 -19.87 -38.72
N ILE E 126 -13.37 -19.60 -37.73
CA ILE E 126 -12.97 -19.20 -36.39
C ILE E 126 -13.73 -20.00 -35.31
N THR F 4 -12.12 -0.81 -55.24
CA THR F 4 -11.62 -0.64 -53.87
C THR F 4 -12.75 -0.71 -52.82
N ASP F 5 -13.91 -0.07 -53.13
CA ASP F 5 -15.07 -0.03 -52.22
C ASP F 5 -16.22 -0.92 -52.72
N LEU F 6 -15.92 -2.25 -52.78
CA LEU F 6 -16.83 -3.32 -53.14
C LEU F 6 -17.51 -3.83 -51.86
N PRO F 7 -18.71 -4.47 -51.92
CA PRO F 7 -19.37 -4.88 -50.67
C PRO F 7 -18.64 -5.90 -49.79
N ASP F 9 -20.31 -7.85 -47.89
CA ASP F 9 -21.25 -8.98 -47.99
C ASP F 9 -21.09 -9.69 -49.34
N PRO F 10 -21.13 -11.04 -49.36
CA PRO F 10 -20.97 -11.77 -50.64
C PRO F 10 -22.06 -11.46 -51.66
N PRO F 11 -21.81 -11.70 -52.97
CA PRO F 11 -22.85 -11.43 -53.97
C PRO F 11 -24.13 -12.27 -53.79
N SER F 12 -25.28 -11.64 -54.13
CA SER F 12 -26.63 -12.19 -54.07
C SER F 12 -27.05 -12.79 -55.42
N ASN G 10 -19.78 9.57 -17.03
CA ASN G 10 -21.00 9.14 -16.33
C ASN G 10 -21.12 7.60 -16.29
N LEU G 11 -20.93 7.02 -15.08
CA LEU G 11 -21.01 5.57 -14.87
C LEU G 11 -22.36 5.10 -14.36
N SER G 12 -22.66 3.82 -14.57
CA SER G 12 -23.83 3.15 -14.00
C SER G 12 -23.36 2.59 -12.65
N LYS G 13 -24.30 2.21 -11.77
CA LYS G 13 -23.98 1.67 -10.45
C LYS G 13 -23.23 0.34 -10.57
N SER G 14 -23.56 -0.47 -11.60
CA SER G 14 -22.92 -1.76 -11.87
C SER G 14 -21.45 -1.55 -12.20
N SER G 15 -21.15 -0.57 -13.10
CA SER G 15 -19.82 -0.16 -13.53
C SER G 15 -19.02 0.42 -12.39
N TRP G 16 -19.68 1.25 -11.56
CA TRP G 16 -19.14 1.90 -10.37
C TRP G 16 -18.71 0.85 -9.33
N ARG G 17 -19.55 -0.15 -9.08
CA ARG G 17 -19.28 -1.23 -8.11
C ARG G 17 -18.10 -2.08 -8.56
N GLN G 18 -18.03 -2.45 -9.85
CA GLN G 18 -16.95 -3.25 -10.43
C GLN G 18 -15.63 -2.51 -10.35
N GLU G 19 -15.63 -1.19 -10.60
CA GLU G 19 -14.46 -0.29 -10.50
C GLU G 19 -13.98 -0.30 -9.05
N TRP G 20 -14.91 -0.15 -8.06
CA TRP G 20 -14.59 -0.17 -6.62
C TRP G 20 -14.05 -1.52 -6.16
N LEU G 21 -14.66 -2.62 -6.60
CA LEU G 21 -14.25 -3.98 -6.27
C LEU G 21 -12.81 -4.29 -6.68
N ALA G 22 -12.40 -3.82 -7.86
CA ALA G 22 -11.04 -3.99 -8.42
C ALA G 22 -10.06 -3.15 -7.63
N ASN G 23 -10.44 -1.92 -7.27
CA ASN G 23 -9.63 -1.01 -6.47
C ASN G 23 -9.42 -1.51 -5.06
N LEU G 24 -10.46 -2.08 -4.42
CA LEU G 24 -10.40 -2.59 -3.04
C LEU G 24 -9.39 -3.71 -2.82
N LYS G 25 -9.05 -4.44 -3.88
CA LYS G 25 -8.07 -5.52 -3.89
C LYS G 25 -6.67 -4.93 -3.78
N LEU G 26 -6.51 -3.63 -4.08
CA LEU G 26 -5.26 -2.86 -4.08
C LEU G 26 -5.29 -1.72 -3.04
N ILE G 27 -6.17 -1.80 -2.05
CA ILE G 27 -6.19 -0.78 -1.01
C ILE G 27 -5.96 -1.42 0.40
N SER G 28 -5.40 -0.63 1.30
CA SER G 28 -5.15 -0.99 2.70
C SER G 28 -6.15 -0.21 3.57
N VAL G 29 -6.94 -0.96 4.34
CA VAL G 29 -7.99 -0.44 5.23
C VAL G 29 -7.53 -0.48 6.66
N SER G 30 -7.85 0.56 7.39
CA SER G 30 -7.56 0.65 8.81
C SER G 30 -8.85 1.00 9.54
N LEU G 31 -9.18 0.23 10.57
CA LEU G 31 -10.35 0.43 11.43
C LEU G 31 -9.78 0.96 12.75
N VAL G 32 -10.09 2.24 13.05
CA VAL G 32 -9.59 2.98 14.23
C VAL G 32 -10.07 2.37 15.56
N ASP G 33 -9.33 2.66 16.65
CA ASP G 33 -9.63 2.25 18.02
C ASP G 33 -10.44 3.30 18.74
N GLU G 34 -10.15 4.59 18.51
CA GLU G 34 -10.79 5.71 19.21
C GLU G 34 -12.25 5.88 18.90
N PHE G 35 -13.03 6.24 19.91
CA PHE G 35 -14.45 6.47 19.83
C PHE G 35 -14.73 7.97 19.80
N PRO G 36 -15.82 8.42 19.14
CA PRO G 36 -16.19 9.84 19.24
C PRO G 36 -16.56 10.08 20.71
N SER G 37 -16.18 11.21 21.30
CA SER G 37 -16.36 11.48 22.73
C SER G 37 -17.80 11.18 23.32
N GLU G 38 -17.82 10.77 24.63
CA GLU G 38 -18.93 10.47 25.56
C GLU G 38 -19.97 9.41 25.11
N LEU G 39 -19.63 8.12 25.33
CA LEU G 39 -20.50 6.95 25.06
C LEU G 39 -20.53 6.05 26.28
N SER G 40 -21.53 5.14 26.36
CA SER G 40 -21.67 4.19 27.47
C SER G 40 -20.93 2.90 27.11
N ASP G 41 -20.75 1.97 28.08
CA ASP G 41 -20.12 0.68 27.84
C ASP G 41 -20.94 -0.13 26.83
N SER G 42 -22.29 0.02 26.86
CA SER G 42 -23.26 -0.62 25.97
C SER G 42 -23.10 -0.11 24.53
N ASP G 43 -23.07 1.23 24.36
CA ASP G 43 -22.91 1.89 23.06
C ASP G 43 -21.59 1.51 22.43
N ARG G 44 -20.51 1.50 23.23
CA ARG G 44 -19.17 1.13 22.77
C ARG G 44 -19.13 -0.32 22.27
N GLN G 45 -19.78 -1.24 23.02
CA GLN G 45 -19.89 -2.66 22.68
C GLN G 45 -20.66 -2.88 21.35
N ILE G 46 -21.80 -2.18 21.15
CA ILE G 46 -22.61 -2.24 19.93
C ILE G 46 -21.80 -1.81 18.72
N ILE G 47 -21.11 -0.65 18.81
CA ILE G 47 -20.24 -0.13 17.73
C ILE G 47 -19.14 -1.16 17.41
N ASN G 48 -18.44 -1.65 18.44
CA ASN G 48 -17.36 -2.63 18.34
C ASN G 48 -17.77 -3.90 17.63
N GLU G 49 -18.94 -4.45 17.96
CA GLU G 49 -19.48 -5.66 17.30
C GLU G 49 -19.70 -5.44 15.80
N LYS G 50 -20.17 -4.24 15.42
CA LYS G 50 -20.37 -3.84 14.02
C LYS G 50 -19.04 -3.63 13.31
N GLN G 52 -16.15 -5.09 14.09
CA GLN G 52 -15.60 -6.43 13.91
C GLN G 52 -16.18 -7.11 12.66
N LEU G 53 -17.48 -6.90 12.40
CA LEU G 53 -18.19 -7.43 11.23
C LEU G 53 -17.68 -6.77 9.92
N LEU G 54 -17.45 -5.43 9.96
CA LEU G 54 -16.92 -4.65 8.82
C LEU G 54 -15.51 -5.07 8.47
N LYS G 55 -14.67 -5.33 9.51
CA LYS G 55 -13.29 -5.81 9.34
C LYS G 55 -13.29 -7.11 8.52
N ASP G 56 -14.20 -8.03 8.86
CA ASP G 56 -14.38 -9.31 8.17
C ASP G 56 -14.85 -9.11 6.72
N ILE G 57 -15.76 -8.15 6.48
CA ILE G 57 -16.25 -7.84 5.15
C ILE G 57 -15.11 -7.28 4.28
N PHE G 58 -14.30 -6.37 4.81
CA PHE G 58 -13.17 -5.81 4.07
C PHE G 58 -12.08 -6.80 3.76
N ALA G 59 -11.76 -7.68 4.69
CA ALA G 59 -10.69 -8.66 4.50
C ALA G 59 -11.10 -9.89 3.68
N ASN G 60 -12.26 -10.45 3.96
CA ASN G 60 -12.72 -11.70 3.32
C ASN G 60 -13.58 -11.51 2.11
N ASN G 61 -14.43 -10.47 2.09
CA ASN G 61 -15.32 -10.25 0.96
C ASN G 61 -14.78 -9.25 -0.05
N LEU G 62 -14.29 -8.10 0.44
CA LEU G 62 -13.77 -7.02 -0.41
C LEU G 62 -12.33 -7.22 -0.81
N LYS G 63 -11.60 -8.09 -0.06
CA LYS G 63 -10.21 -8.55 -0.30
C LYS G 63 -9.13 -7.45 -0.08
N SER G 64 -9.44 -6.47 0.80
CA SER G 64 -8.51 -5.40 1.16
C SER G 64 -7.53 -5.89 2.21
N ALA G 65 -6.42 -5.13 2.38
CA ALA G 65 -5.42 -5.47 3.40
C ALA G 65 -5.77 -4.73 4.69
N ILE G 66 -5.87 -5.44 5.81
CA ILE G 66 -6.14 -4.78 7.09
C ILE G 66 -4.82 -4.23 7.66
N SER G 67 -4.76 -2.90 7.88
CA SER G 67 -3.60 -2.20 8.44
C SER G 67 -3.81 -1.84 9.90
N ASN G 68 -2.76 -1.98 10.71
CA ASN G 68 -2.79 -1.63 12.13
C ASN G 68 -2.35 -0.18 12.34
N ASN G 69 -1.82 0.46 11.30
CA ASN G 69 -1.38 1.85 11.34
C ASN G 69 -2.26 2.60 10.35
N PHE G 70 -3.09 3.52 10.86
CA PHE G 70 -4.00 4.29 10.00
C PHE G 70 -3.29 5.29 9.10
N ARG G 71 -2.03 5.60 9.41
CA ARG G 71 -1.19 6.52 8.61
C ARG G 71 -0.57 5.77 7.43
N GLU G 72 -0.72 4.42 7.43
CA GLU G 72 -0.25 3.49 6.38
C GLU G 72 -1.45 2.75 5.79
N SER G 73 -2.48 3.52 5.34
CA SER G 73 -3.72 3.03 4.75
C SER G 73 -4.39 4.06 3.83
N ASP G 74 -5.24 3.55 2.89
CA ASP G 74 -5.99 4.38 1.94
C ASP G 74 -7.42 4.73 2.45
N ILE G 75 -8.06 3.81 3.16
CA ILE G 75 -9.38 4.04 3.73
C ILE G 75 -9.30 3.83 5.29
N ILE G 76 -9.87 4.78 6.02
CA ILE G 76 -9.91 4.73 7.49
C ILE G 76 -11.40 4.64 7.94
N ILE G 77 -11.73 3.59 8.68
CA ILE G 77 -13.09 3.30 9.19
C ILE G 77 -13.16 3.83 10.65
N LEU G 78 -13.99 4.87 10.87
CA LEU G 78 -14.16 5.54 12.15
C LEU G 78 -15.29 4.89 12.91
N LYS G 79 -15.34 5.11 14.24
CA LYS G 79 -16.40 4.60 15.12
C LYS G 79 -17.55 5.64 15.30
N GLY G 80 -17.56 6.66 14.44
CA GLY G 80 -18.53 7.74 14.42
C GLY G 80 -18.15 8.77 13.39
N GLU G 81 -18.81 9.93 13.39
CA GLU G 81 -18.50 11.00 12.45
C GLU G 81 -17.22 11.70 12.87
N ILE G 82 -16.40 12.15 11.92
CA ILE G 82 -15.12 12.79 12.28
C ILE G 82 -15.34 14.10 13.11
N GLU G 83 -16.44 14.83 12.84
CA GLU G 83 -16.83 16.05 13.55
C GLU G 83 -17.16 15.80 15.02
N ASP G 84 -17.48 14.53 15.39
CA ASP G 84 -17.79 14.13 16.76
C ASP G 84 -16.54 13.77 17.58
N TYR G 85 -15.43 13.47 16.91
CA TYR G 85 -14.19 13.14 17.62
C TYR G 85 -13.59 14.41 18.27
N PRO G 86 -12.95 14.31 19.45
CA PRO G 86 -12.31 15.51 20.03
C PRO G 86 -11.00 15.84 19.32
N SER G 88 -8.13 16.41 20.61
CA SER G 88 -7.05 15.70 21.31
C SER G 88 -6.82 14.28 20.78
N SER G 89 -7.82 13.70 20.06
CA SER G 89 -7.72 12.35 19.48
C SER G 89 -6.67 12.26 18.37
N GLU G 90 -5.97 11.12 18.34
CA GLU G 90 -4.92 10.82 17.38
C GLU G 90 -5.40 10.83 15.93
N ILE G 91 -6.63 10.38 15.69
CA ILE G 91 -7.25 10.31 14.38
C ILE G 91 -7.77 11.68 13.90
N LYS G 92 -8.28 12.54 14.80
CA LYS G 92 -8.71 13.89 14.42
C LYS G 92 -7.46 14.75 14.15
N ILE G 93 -6.35 14.49 14.90
CA ILE G 93 -5.05 15.15 14.71
C ILE G 93 -4.53 14.87 13.27
N TYR G 94 -4.58 13.60 12.84
CA TYR G 94 -4.18 13.14 11.52
C TYR G 94 -5.11 13.69 10.44
N TYR G 95 -6.44 13.72 10.71
CA TYR G 95 -7.45 14.25 9.79
C TYR G 95 -7.15 15.71 9.44
N ASN G 96 -6.94 16.56 10.49
CA ASN G 96 -6.63 17.99 10.39
C ASN G 96 -5.25 18.24 9.76
N GLU G 97 -4.35 17.26 9.89
CA GLU G 97 -2.98 17.28 9.34
C GLU G 97 -3.09 17.21 7.82
N LEU G 98 -3.93 16.30 7.31
CA LEU G 98 -4.17 16.08 5.88
C LEU G 98 -5.01 17.20 5.23
N GLN G 99 -5.85 17.92 6.03
CA GLN G 99 -6.69 19.02 5.55
C GLN G 99 -5.82 20.08 4.84
N ASN G 100 -4.55 20.26 5.29
CA ASN G 100 -3.58 21.17 4.70
C ASN G 100 -2.74 20.45 3.63
N ALA G 104 -1.75 17.92 -0.61
CA ALA G 104 -0.92 16.87 -1.19
C ALA G 104 -1.42 15.40 -0.86
N LYS G 105 -1.00 14.79 0.30
CA LYS G 105 -1.30 13.42 0.80
C LYS G 105 -2.79 13.03 0.80
N LYS G 106 -3.11 11.74 0.56
CA LYS G 106 -4.52 11.33 0.51
C LYS G 106 -4.90 10.11 1.36
N ALA G 107 -6.07 10.20 1.99
CA ALA G 107 -6.73 9.12 2.76
C ALA G 107 -8.23 9.43 2.91
N ARG G 108 -9.04 8.39 2.82
CA ARG G 108 -10.51 8.50 2.96
C ARG G 108 -10.89 8.23 4.40
N PHE G 109 -11.72 9.11 4.97
CA PHE G 109 -12.15 8.96 6.36
C PHE G 109 -13.65 8.70 6.32
N TRP G 110 -14.06 7.44 6.56
CA TRP G 110 -15.46 7.05 6.50
C TRP G 110 -16.03 6.77 7.86
N SER G 111 -17.23 7.31 8.20
CA SER G 111 -17.89 6.98 9.49
C SER G 111 -18.36 5.52 9.44
N PHE G 112 -18.71 4.91 10.56
CA PHE G 112 -19.06 3.49 10.44
C PHE G 112 -20.41 3.29 9.82
N LYS G 114 -21.41 5.38 7.23
CA LYS G 114 -21.06 5.57 5.83
C LYS G 114 -20.43 4.30 5.23
N THR G 115 -19.61 3.57 6.02
CA THR G 115 -18.99 2.29 5.68
C THR G 115 -20.04 1.20 5.51
N GLN G 116 -21.05 1.16 6.41
CA GLN G 116 -22.17 0.22 6.34
C GLN G 116 -22.95 0.40 5.01
N ARG G 117 -23.15 1.66 4.57
CA ARG G 117 -23.81 2.00 3.31
C ARG G 117 -22.97 1.53 2.12
N PHE G 118 -21.65 1.81 2.15
CA PHE G 118 -20.69 1.43 1.10
C PHE G 118 -20.69 -0.08 0.90
N VAL G 119 -20.50 -0.80 2.00
CA VAL G 119 -20.45 -2.25 2.07
C VAL G 119 -21.75 -2.85 1.51
N SER G 120 -22.89 -2.21 1.79
CA SER G 120 -24.21 -2.61 1.30
C SER G 120 -24.31 -2.39 -0.20
N ASN G 121 -23.70 -1.30 -0.72
CA ASN G 121 -23.67 -0.94 -2.13
C ASN G 121 -22.74 -1.87 -2.89
N GLY G 123 -22.69 -5.05 -2.25
CA GLY G 123 -23.46 -6.27 -2.24
C GLY G 123 -23.33 -7.17 -1.03
N PHE G 124 -22.90 -6.63 0.10
CA PHE G 124 -22.69 -7.40 1.34
C PHE G 124 -23.46 -6.66 2.45
N ASP G 125 -24.33 -7.32 3.22
CA ASP G 125 -25.14 -6.62 4.23
C ASP G 125 -24.69 -6.87 5.70
N ILE G 126 -25.10 -5.95 6.65
CA ILE G 126 -24.84 -5.91 8.11
C ILE G 126 -23.37 -6.31 8.45
N SER H 3 -9.42 7.32 -12.76
CA SER H 3 -8.42 7.20 -11.70
C SER H 3 -8.84 6.16 -10.63
N THR H 4 -8.14 6.16 -9.45
CA THR H 4 -8.34 5.31 -8.27
C THR H 4 -9.01 6.14 -7.15
N ASP H 5 -9.36 7.40 -7.48
CA ASP H 5 -10.08 8.27 -6.53
C ASP H 5 -11.46 8.73 -7.10
N LEU H 6 -12.31 7.71 -7.32
CA LEU H 6 -13.70 7.77 -7.74
C LEU H 6 -14.61 7.95 -6.50
N PRO H 7 -15.85 8.48 -6.62
CA PRO H 7 -16.68 8.69 -5.42
C PRO H 7 -17.10 7.44 -4.66
N ASP H 9 -19.82 7.35 -2.99
CA ASP H 9 -21.27 7.36 -3.22
C ASP H 9 -21.58 6.96 -4.66
N PRO H 10 -22.65 6.13 -4.87
CA PRO H 10 -23.01 5.71 -6.24
C PRO H 10 -23.33 6.87 -7.18
N PRO H 11 -23.19 6.66 -8.51
CA PRO H 11 -23.42 7.79 -9.45
C PRO H 11 -24.74 8.56 -9.30
N SER H 12 -25.84 7.88 -8.95
CA SER H 12 -27.16 8.49 -8.76
C SER H 12 -27.43 9.13 -7.41
N ASP H 13 -26.74 8.70 -6.34
CA ASP H 13 -26.96 9.23 -4.97
C ASP H 13 -26.15 10.47 -4.66
N SER I 12 24.84 7.88 -18.46
CA SER I 12 24.53 7.97 -17.04
C SER I 12 25.59 7.28 -16.14
N LYS I 13 25.55 7.56 -14.80
CA LYS I 13 26.43 7.09 -13.69
C LYS I 13 27.61 8.06 -13.52
N SER I 14 28.50 8.07 -14.54
CA SER I 14 29.65 8.95 -14.74
C SER I 14 29.13 10.29 -15.28
N SER I 15 28.11 10.25 -16.17
CA SER I 15 27.45 11.40 -16.79
C SER I 15 26.70 12.22 -15.76
N TRP I 16 26.02 11.51 -14.81
CA TRP I 16 25.27 12.07 -13.69
C TRP I 16 26.20 12.87 -12.77
N ARG I 17 27.36 12.29 -12.41
CA ARG I 17 28.35 12.90 -11.53
C ARG I 17 28.97 14.15 -12.18
N GLN I 18 29.31 14.08 -13.48
CA GLN I 18 29.88 15.20 -14.22
C GLN I 18 28.91 16.38 -14.32
N GLU I 19 27.60 16.07 -14.49
CA GLU I 19 26.50 17.03 -14.55
C GLU I 19 26.37 17.74 -13.21
N TRP I 20 26.45 16.95 -12.10
CA TRP I 20 26.41 17.47 -10.73
C TRP I 20 27.61 18.34 -10.40
N LEU I 21 28.82 17.89 -10.77
CA LEU I 21 30.07 18.62 -10.57
C LEU I 21 30.06 20.04 -11.20
N ALA I 22 29.50 20.16 -12.41
CA ALA I 22 29.38 21.43 -13.12
C ALA I 22 28.36 22.34 -12.45
N ASN I 23 27.24 21.75 -11.98
CA ASN I 23 26.17 22.47 -11.29
C ASN I 23 26.62 23.00 -9.95
N LEU I 24 27.28 22.16 -9.11
CA LEU I 24 27.75 22.56 -7.77
C LEU I 24 28.74 23.76 -7.76
N LYS I 25 29.40 24.08 -8.90
CA LYS I 25 30.28 25.23 -9.08
C LYS I 25 29.44 26.51 -9.12
N LEU I 26 28.14 26.37 -9.44
CA LEU I 26 27.14 27.44 -9.59
C LEU I 26 26.01 27.36 -8.54
N ILE I 27 26.23 26.62 -7.45
CA ILE I 27 25.21 26.54 -6.41
C ILE I 27 25.77 27.05 -5.07
N SER I 28 24.86 27.57 -4.22
CA SER I 28 25.13 28.06 -2.86
C SER I 28 24.62 27.01 -1.89
N VAL I 29 25.49 26.57 -0.97
CA VAL I 29 25.18 25.56 0.02
C VAL I 29 25.12 26.17 1.40
N SER I 30 24.13 25.75 2.18
CA SER I 30 24.00 26.20 3.56
C SER I 30 23.91 24.99 4.47
N LEU I 31 24.75 24.95 5.50
CA LEU I 31 24.79 23.88 6.51
C LEU I 31 24.18 24.50 7.75
N VAL I 32 22.99 24.00 8.15
CA VAL I 32 22.20 24.52 9.26
C VAL I 32 22.90 24.34 10.62
N ASP I 33 22.50 25.17 11.61
CA ASP I 33 23.00 25.13 12.98
C ASP I 33 22.16 24.24 13.88
N GLU I 34 20.84 24.28 13.71
CA GLU I 34 19.88 23.55 14.53
C GLU I 34 19.98 22.05 14.37
N PHE I 35 19.78 21.37 15.47
CA PHE I 35 19.81 19.92 15.54
C PHE I 35 18.39 19.38 15.56
N PRO I 36 18.16 18.17 15.04
CA PRO I 36 16.83 17.58 15.25
C PRO I 36 16.70 17.41 16.78
N SER I 37 15.50 17.48 17.30
CA SER I 37 15.41 17.38 18.75
C SER I 37 15.87 16.00 19.32
N GLU I 38 16.28 16.02 20.61
CA GLU I 38 16.63 14.87 21.45
C GLU I 38 17.98 14.17 21.09
N LEU I 39 19.12 14.80 21.47
CA LEU I 39 20.48 14.22 21.29
C LEU I 39 21.33 14.48 22.51
N SER I 40 22.44 13.71 22.66
CA SER I 40 23.39 13.90 23.76
C SER I 40 24.52 14.84 23.31
N ASP I 41 25.37 15.31 24.24
CA ASP I 41 26.52 16.18 23.93
C ASP I 41 27.48 15.44 22.97
N SER I 42 27.62 14.11 23.16
CA SER I 42 28.45 13.20 22.38
C SER I 42 27.93 13.10 20.95
N ASP I 43 26.60 12.85 20.78
CA ASP I 43 25.93 12.73 19.49
C ASP I 43 26.03 14.03 18.73
N ARG I 44 25.84 15.17 19.41
CA ARG I 44 25.94 16.51 18.80
C ARG I 44 27.34 16.78 18.28
N GLN I 45 28.39 16.40 19.05
CA GLN I 45 29.79 16.53 18.66
C GLN I 45 30.13 15.67 17.43
N ILE I 46 29.66 14.40 17.40
CA ILE I 46 29.87 13.47 16.26
C ILE I 46 29.27 14.06 14.97
N ILE I 47 28.00 14.54 15.04
CA ILE I 47 27.32 15.17 13.91
C ILE I 47 28.13 16.38 13.43
N ASN I 48 28.50 17.28 14.36
CA ASN I 48 29.25 18.51 14.09
C ASN I 48 30.58 18.26 13.39
N GLU I 49 31.34 17.23 13.82
CA GLU I 49 32.61 16.85 13.19
C GLU I 49 32.39 16.42 11.71
N LYS I 50 31.31 15.68 11.46
CA LYS I 50 30.91 15.24 10.12
C LYS I 50 30.43 16.43 9.26
N GLN I 52 31.39 19.51 9.62
CA GLN I 52 32.65 20.20 9.38
C GLN I 52 33.36 19.59 8.18
N LEU I 53 33.34 18.25 8.04
CA LEU I 53 33.96 17.63 6.87
C LEU I 53 33.12 17.87 5.62
N LEU I 54 31.79 17.90 5.75
CA LEU I 54 30.86 18.15 4.63
C LEU I 54 31.04 19.56 4.06
N LYS I 55 31.20 20.54 4.95
CA LYS I 55 31.44 21.95 4.62
C LYS I 55 32.71 22.04 3.77
N ASP I 56 33.78 21.36 4.22
CA ASP I 56 35.07 21.33 3.54
C ASP I 56 34.99 20.68 2.16
N ILE I 57 34.22 19.58 2.05
CA ILE I 57 34.02 18.87 0.79
C ILE I 57 33.26 19.77 -0.20
N PHE I 58 32.20 20.45 0.24
CA PHE I 58 31.44 21.35 -0.61
C PHE I 58 32.22 22.56 -1.07
N ALA I 59 32.99 23.18 -0.18
CA ALA I 59 33.74 24.37 -0.51
C ALA I 59 35.01 24.13 -1.30
N ASN I 60 35.82 23.14 -0.90
CA ASN I 60 37.13 22.88 -1.50
C ASN I 60 37.14 21.84 -2.60
N ASN I 61 36.29 20.81 -2.50
CA ASN I 61 36.26 19.75 -3.50
C ASN I 61 35.19 19.95 -4.54
N LEU I 62 33.97 20.25 -4.11
CA LEU I 62 32.82 20.44 -5.00
C LEU I 62 32.75 21.87 -5.57
N LYS I 63 33.45 22.81 -4.92
CA LYS I 63 33.63 24.22 -5.34
C LYS I 63 32.35 25.08 -5.23
N SER I 64 31.42 24.66 -4.37
CA SER I 64 30.20 25.41 -4.10
C SER I 64 30.52 26.65 -3.23
N ALA I 65 29.54 27.58 -3.09
CA ALA I 65 29.67 28.76 -2.23
C ALA I 65 28.97 28.46 -0.91
N ILE I 66 29.68 28.65 0.22
CA ILE I 66 29.09 28.39 1.53
C ILE I 66 28.32 29.65 1.94
N SER I 67 26.99 29.48 2.20
CA SER I 67 26.10 30.54 2.63
C SER I 67 25.79 30.45 4.12
N ASN I 68 25.74 31.59 4.79
CA ASN I 68 25.40 31.66 6.23
C ASN I 68 23.90 31.80 6.43
N ASN I 69 23.19 32.15 5.35
CA ASN I 69 21.75 32.33 5.33
C ASN I 69 21.17 31.22 4.48
N PHE I 70 20.44 30.28 5.14
CA PHE I 70 19.85 29.13 4.44
C PHE I 70 18.71 29.54 3.52
N ARG I 71 18.16 30.76 3.69
CA ARG I 71 17.11 31.34 2.84
C ARG I 71 17.71 31.88 1.54
N GLU I 72 19.06 31.99 1.49
CA GLU I 72 19.86 32.44 0.35
C GLU I 72 20.82 31.34 -0.11
N SER I 73 20.28 30.14 -0.41
CA SER I 73 21.02 28.97 -0.87
C SER I 73 20.14 28.02 -1.68
N ASP I 74 20.78 27.18 -2.51
CA ASP I 74 20.10 26.20 -3.37
C ASP I 74 19.97 24.84 -2.71
N ILE I 75 20.99 24.44 -1.95
CA ILE I 75 21.04 23.17 -1.19
C ILE I 75 21.28 23.46 0.30
N ILE I 76 20.40 22.91 1.16
CA ILE I 76 20.45 23.02 2.61
C ILE I 76 20.81 21.66 3.22
N ILE I 77 21.91 21.59 3.98
CA ILE I 77 22.39 20.40 4.69
C ILE I 77 21.87 20.46 6.10
N LEU I 78 21.04 19.49 6.48
CA LEU I 78 20.43 19.37 7.81
C LEU I 78 21.28 18.48 8.70
N LYS I 79 21.14 18.58 10.02
CA LYS I 79 21.85 17.74 10.99
C LYS I 79 21.07 16.43 11.35
N GLY I 80 20.01 16.17 10.57
CA GLY I 80 19.13 15.02 10.75
C GLY I 80 18.00 15.07 9.74
N GLU I 81 16.93 14.27 9.99
CA GLU I 81 15.75 14.24 9.12
C GLU I 81 14.90 15.44 9.43
N ILE I 82 14.29 16.08 8.43
CA ILE I 82 13.46 17.28 8.65
C ILE I 82 12.25 16.97 9.58
N GLU I 83 11.70 15.74 9.51
CA GLU I 83 10.58 15.27 10.35
C GLU I 83 10.94 15.19 11.84
N ASP I 84 12.26 15.11 12.15
CA ASP I 84 12.77 15.06 13.52
C ASP I 84 12.98 16.45 14.12
N TYR I 85 13.01 17.50 13.28
CA TYR I 85 13.14 18.87 13.74
C TYR I 85 11.82 19.35 14.36
N PRO I 86 11.87 20.13 15.46
CA PRO I 86 10.61 20.61 16.05
C PRO I 86 9.97 21.73 15.22
N SER I 88 8.88 24.60 16.11
CA SER I 88 9.40 25.87 16.62
C SER I 88 10.76 26.25 16.00
N SER I 89 11.48 25.26 15.43
CA SER I 89 12.80 25.47 14.83
C SER I 89 12.70 26.31 13.54
N GLU I 90 13.68 27.24 13.37
CA GLU I 90 13.79 28.17 12.25
C GLU I 90 13.81 27.50 10.86
N ILE I 91 14.49 26.32 10.70
CA ILE I 91 14.52 25.59 9.40
C ILE I 91 13.23 24.90 9.13
N LYS I 92 12.59 24.31 10.17
CA LYS I 92 11.32 23.62 9.96
C LYS I 92 10.25 24.66 9.58
N ILE I 93 10.34 25.90 10.16
CA ILE I 93 9.45 27.03 9.84
C ILE I 93 9.61 27.38 8.35
N TYR I 94 10.88 27.48 7.88
CA TYR I 94 11.21 27.78 6.48
C TYR I 94 10.81 26.63 5.55
N TYR I 95 11.01 25.38 5.98
CA TYR I 95 10.66 24.18 5.22
C TYR I 95 9.15 24.18 4.92
N ASN I 96 8.32 24.38 5.97
CA ASN I 96 6.85 24.42 5.91
C ASN I 96 6.34 25.64 5.14
N GLU I 97 7.13 26.72 5.12
CA GLU I 97 6.87 27.97 4.41
C GLU I 97 6.91 27.67 2.89
N LEU I 98 7.95 26.93 2.44
CA LEU I 98 8.16 26.53 1.05
C LEU I 98 7.17 25.46 0.57
N GLN I 99 6.64 24.62 1.50
CA GLN I 99 5.69 23.54 1.19
C GLN I 99 4.41 24.12 0.58
N ASN I 100 3.88 25.19 1.22
CA ASN I 100 2.67 25.93 0.85
C ASN I 100 2.81 26.72 -0.45
N LYS I 101 4.03 27.23 -0.74
CA LYS I 101 4.37 28.01 -1.94
C LYS I 101 4.16 27.25 -3.28
N LYS I 105 10.06 29.38 -5.32
CA LYS I 105 11.27 29.30 -4.51
C LYS I 105 12.12 28.04 -4.80
N LYS I 106 11.70 26.85 -4.25
CA LYS I 106 12.22 25.47 -4.40
C LYS I 106 13.75 25.26 -4.09
N ALA I 107 14.09 25.31 -2.79
CA ALA I 107 15.40 24.99 -2.21
C ALA I 107 15.43 23.48 -1.84
N ARG I 108 16.63 22.88 -1.87
CA ARG I 108 16.88 21.45 -1.63
C ARG I 108 17.26 21.12 -0.18
N PHE I 109 16.39 20.40 0.54
CA PHE I 109 16.62 20.04 1.95
C PHE I 109 17.15 18.61 2.02
N TRP I 110 18.45 18.47 2.29
CA TRP I 110 19.08 17.15 2.38
C TRP I 110 19.42 16.85 3.82
N SER I 111 18.99 15.66 4.31
CA SER I 111 19.31 15.13 5.63
C SER I 111 20.83 14.93 5.63
N PHE I 112 21.51 14.94 6.79
CA PHE I 112 22.98 14.82 6.78
C PHE I 112 23.41 13.41 6.28
N LYS I 114 21.65 11.75 3.77
CA LYS I 114 21.50 11.86 2.31
C LYS I 114 22.75 12.56 1.73
N THR I 115 23.23 13.64 2.40
CA THR I 115 24.41 14.42 2.02
C THR I 115 25.64 13.53 2.06
N GLN I 116 25.77 12.68 3.09
CA GLN I 116 26.88 11.73 3.20
C GLN I 116 26.92 10.78 2.00
N ARG I 117 25.73 10.28 1.56
CA ARG I 117 25.58 9.40 0.41
C ARG I 117 25.95 10.15 -0.87
N PHE I 118 25.43 11.39 -1.04
CA PHE I 118 25.67 12.23 -2.21
C PHE I 118 27.15 12.47 -2.40
N VAL I 119 27.80 12.97 -1.35
CA VAL I 119 29.22 13.28 -1.29
C VAL I 119 30.05 12.03 -1.62
N SER I 120 29.60 10.85 -1.16
CA SER I 120 30.26 9.55 -1.41
C SER I 120 30.13 9.17 -2.89
N ASN I 121 28.96 9.47 -3.50
CA ASN I 121 28.67 9.23 -4.92
C ASN I 121 29.41 10.20 -5.79
N GLY I 123 32.51 10.97 -5.15
CA GLY I 123 33.86 10.44 -5.06
C GLY I 123 34.65 10.91 -3.85
N PHE I 124 33.94 11.35 -2.80
CA PHE I 124 34.54 11.86 -1.57
C PHE I 124 33.87 11.09 -0.43
N ASP I 125 34.40 9.88 -0.13
CA ASP I 125 33.78 9.01 0.88
C ASP I 125 34.08 9.48 2.32
N ILE I 126 33.13 9.20 3.23
CA ILE I 126 33.16 9.62 4.63
C ILE I 126 32.94 8.44 5.58
N ASP J 5 17.04 20.59 -12.83
CA ASP J 5 16.83 19.96 -11.53
C ASP J 5 16.83 18.44 -11.72
N LEU J 6 18.07 17.89 -11.76
CA LEU J 6 18.41 16.50 -11.93
C LEU J 6 18.36 15.75 -10.59
N PRO J 7 18.12 14.42 -10.55
CA PRO J 7 18.04 13.72 -9.24
C PRO J 7 19.33 13.70 -8.42
N ASP J 9 19.87 11.29 -6.39
CA ASP J 9 20.14 9.87 -6.40
C ASP J 9 20.72 9.44 -7.76
N PRO J 10 21.75 8.56 -7.76
CA PRO J 10 22.32 8.08 -9.03
C PRO J 10 21.32 7.27 -9.88
N PRO J 11 21.58 7.07 -11.20
CA PRO J 11 20.63 6.30 -12.03
C PRO J 11 20.39 4.85 -11.59
N LEU K 11 -0.16 -19.48 9.20
CA LEU K 11 -0.49 -19.30 10.62
C LEU K 11 0.81 -19.12 11.42
N SER K 12 1.53 -18.00 11.18
CA SER K 12 2.79 -17.73 11.89
C SER K 12 2.48 -16.87 13.10
N LYS K 13 3.39 -16.80 14.07
CA LYS K 13 3.21 -16.00 15.28
C LYS K 13 3.09 -14.51 14.96
N SER K 14 3.87 -14.04 13.95
CA SER K 14 3.87 -12.65 13.49
C SER K 14 2.50 -12.29 12.92
N SER K 15 1.93 -13.19 12.08
CA SER K 15 0.62 -13.05 11.46
C SER K 15 -0.50 -13.09 12.49
N TRP K 16 -0.35 -13.99 13.46
CA TRP K 16 -1.27 -14.20 14.59
C TRP K 16 -1.37 -12.95 15.47
N ARG K 17 -0.20 -12.35 15.80
CA ARG K 17 -0.08 -11.15 16.62
C ARG K 17 -0.71 -9.96 15.92
N GLN K 18 -0.44 -9.79 14.62
CA GLN K 18 -0.98 -8.70 13.81
C GLN K 18 -2.50 -8.77 13.71
N GLU K 19 -3.05 -10.00 13.57
CA GLU K 19 -4.50 -10.28 13.52
C GLU K 19 -5.12 -9.91 14.87
N TRP K 20 -4.46 -10.29 15.99
CA TRP K 20 -4.91 -9.94 17.34
C TRP K 20 -4.88 -8.44 17.61
N LEU K 21 -3.78 -7.77 17.21
CA LEU K 21 -3.59 -6.32 17.36
C LEU K 21 -4.69 -5.52 16.68
N ALA K 22 -5.12 -5.93 15.47
CA ALA K 22 -6.20 -5.28 14.70
C ALA K 22 -7.55 -5.50 15.37
N ASN K 23 -7.79 -6.73 15.86
CA ASN K 23 -9.02 -7.09 16.58
C ASN K 23 -9.15 -6.36 17.88
N LEU K 24 -8.06 -6.23 18.66
CA LEU K 24 -8.06 -5.58 19.99
C LEU K 24 -8.48 -4.12 19.97
N LYS K 25 -8.32 -3.45 18.81
CA LYS K 25 -8.71 -2.06 18.59
C LYS K 25 -10.25 -1.94 18.54
N LEU K 26 -10.93 -3.08 18.27
CA LEU K 26 -12.37 -3.22 18.12
C LEU K 26 -12.97 -4.14 19.21
N ILE K 27 -12.27 -4.31 20.34
CA ILE K 27 -12.69 -5.17 21.47
C ILE K 27 -12.87 -4.32 22.72
N SER K 28 -13.80 -4.74 23.59
CA SER K 28 -14.06 -4.11 24.89
C SER K 28 -13.61 -5.13 25.92
N VAL K 29 -12.73 -4.69 26.83
CA VAL K 29 -12.12 -5.50 27.88
C VAL K 29 -12.66 -5.09 29.25
N SER K 30 -12.88 -6.07 30.11
CA SER K 30 -13.28 -5.81 31.46
C SER K 30 -12.36 -6.61 32.39
N LEU K 31 -11.84 -5.93 33.44
CA LEU K 31 -10.97 -6.50 34.46
C LEU K 31 -11.80 -6.54 35.73
N VAL K 32 -12.13 -7.77 36.18
CA VAL K 32 -13.00 -8.02 37.32
C VAL K 32 -12.41 -7.52 38.67
N ASP K 33 -13.30 -7.27 39.64
CA ASP K 33 -12.94 -6.80 40.98
C ASP K 33 -12.77 -7.96 41.94
N GLU K 34 -13.63 -8.98 41.82
CA GLU K 34 -13.66 -10.15 42.69
C GLU K 34 -12.41 -10.99 42.61
N PHE K 35 -12.00 -11.50 43.76
CA PHE K 35 -10.84 -12.35 43.89
C PHE K 35 -11.23 -13.80 44.00
N PRO K 36 -10.38 -14.73 43.46
CA PRO K 36 -10.64 -16.15 43.71
C PRO K 36 -10.42 -16.35 45.20
N SER K 37 -11.33 -17.06 45.87
CA SER K 37 -11.35 -17.28 47.31
C SER K 37 -9.98 -17.58 47.99
N GLU K 38 -9.89 -17.26 49.32
CA GLU K 38 -8.78 -17.50 50.28
C GLU K 38 -7.41 -16.88 49.93
N LEU K 39 -7.28 -15.54 50.02
CA LEU K 39 -6.01 -14.87 49.78
C LEU K 39 -5.64 -13.94 50.92
N SER K 40 -4.35 -13.59 51.03
CA SER K 40 -3.87 -12.67 52.06
C SER K 40 -3.86 -11.25 51.50
N ASP K 41 -3.67 -10.22 52.35
CA ASP K 41 -3.59 -8.82 51.93
C ASP K 41 -2.43 -8.64 50.94
N SER K 42 -1.31 -9.37 51.16
CA SER K 42 -0.10 -9.36 50.32
C SER K 42 -0.38 -9.96 48.96
N ASP K 43 -1.02 -11.15 48.92
CA ASP K 43 -1.38 -11.83 47.67
C ASP K 43 -2.32 -10.98 46.83
N ARG K 44 -3.32 -10.35 47.48
CA ARG K 44 -4.30 -9.46 46.82
C ARG K 44 -3.62 -8.24 46.21
N GLN K 45 -2.65 -7.65 46.94
CA GLN K 45 -1.88 -6.49 46.51
C GLN K 45 -1.02 -6.85 45.27
N ILE K 46 -0.34 -8.01 45.28
CA ILE K 46 0.49 -8.49 44.17
C ILE K 46 -0.35 -8.63 42.90
N ILE K 47 -1.51 -9.32 43.00
CA ILE K 47 -2.46 -9.51 41.88
C ILE K 47 -2.91 -8.15 41.35
N ASN K 48 -3.39 -7.27 42.27
CA ASN K 48 -3.88 -5.92 41.96
C ASN K 48 -2.87 -5.07 41.22
N GLU K 49 -1.58 -5.08 41.63
CA GLU K 49 -0.50 -4.35 40.98
C GLU K 49 -0.32 -4.81 39.52
N LYS K 50 -0.44 -6.14 39.29
CA LYS K 50 -0.35 -6.78 37.98
C LYS K 50 -1.58 -6.48 37.14
N GLN K 52 -3.50 -3.79 37.43
CA GLN K 52 -3.34 -2.37 37.09
C GLN K 52 -2.42 -2.22 35.87
N LEU K 53 -1.36 -3.03 35.79
CA LEU K 53 -0.40 -3.05 34.70
C LEU K 53 -1.05 -3.57 33.40
N LEU K 54 -1.85 -4.66 33.48
CA LEU K 54 -2.59 -5.26 32.37
C LEU K 54 -3.63 -4.26 31.84
N LYS K 55 -4.36 -3.55 32.72
CA LYS K 55 -5.35 -2.52 32.36
C LYS K 55 -4.70 -1.48 31.47
N ASP K 56 -3.50 -1.02 31.87
CA ASP K 56 -2.70 -0.04 31.13
C ASP K 56 -2.26 -0.58 29.77
N ILE K 57 -1.85 -1.86 29.71
CA ILE K 57 -1.41 -2.51 28.48
C ILE K 57 -2.56 -2.60 27.52
N PHE K 58 -3.76 -3.01 27.99
CA PHE K 58 -4.96 -3.12 27.15
C PHE K 58 -5.46 -1.78 26.63
N ALA K 59 -5.47 -0.76 27.48
CA ALA K 59 -5.96 0.55 27.08
C ALA K 59 -4.99 1.38 26.25
N ASN K 60 -3.70 1.43 26.67
CA ASN K 60 -2.72 2.29 26.02
C ASN K 60 -1.87 1.62 24.95
N ASN K 61 -1.58 0.32 25.10
CA ASN K 61 -0.74 -0.36 24.14
C ASN K 61 -1.55 -1.15 23.12
N LEU K 62 -2.51 -1.95 23.59
CA LEU K 62 -3.37 -2.79 22.75
C LEU K 62 -4.53 -2.03 22.14
N LYS K 63 -4.90 -0.86 22.73
CA LYS K 63 -5.90 0.11 22.27
C LYS K 63 -7.35 -0.38 22.38
N SER K 64 -7.63 -1.27 23.35
CA SER K 64 -8.98 -1.77 23.63
C SER K 64 -9.75 -0.76 24.46
N ALA K 65 -11.08 -0.93 24.51
CA ALA K 65 -11.94 -0.08 25.34
C ALA K 65 -12.13 -0.76 26.70
N ILE K 66 -11.84 -0.04 27.78
CA ILE K 66 -11.99 -0.60 29.13
C ILE K 66 -13.45 -0.43 29.54
N SER K 67 -14.11 -1.55 29.85
CA SER K 67 -15.50 -1.57 30.27
C SER K 67 -15.61 -1.78 31.80
N ASN K 68 -16.54 -1.08 32.45
CA ASN K 68 -16.81 -1.22 33.88
C ASN K 68 -17.85 -2.29 34.12
N ASN K 69 -18.55 -2.69 33.05
CA ASN K 69 -19.57 -3.73 33.07
C ASN K 69 -19.03 -4.92 32.30
N PHE K 70 -18.74 -6.02 33.02
CA PHE K 70 -18.18 -7.23 32.41
C PHE K 70 -19.21 -7.94 31.52
N ARG K 71 -20.50 -7.61 31.68
CA ARG K 71 -21.60 -8.15 30.87
C ARG K 71 -21.67 -7.43 29.51
N GLU K 72 -20.92 -6.31 29.37
CA GLU K 72 -20.81 -5.46 28.17
C GLU K 72 -19.36 -5.41 27.69
N SER K 73 -18.76 -6.61 27.48
CA SER K 73 -17.38 -6.78 27.05
C SER K 73 -17.19 -8.10 26.28
N ASP K 74 -16.13 -8.16 25.46
CA ASP K 74 -15.76 -9.31 24.64
C ASP K 74 -14.75 -10.20 25.36
N ILE K 75 -13.87 -9.57 26.19
CA ILE K 75 -12.85 -10.28 26.96
C ILE K 75 -12.89 -9.83 28.44
N ILE K 76 -12.97 -10.82 29.33
CA ILE K 76 -12.99 -10.63 30.77
C ILE K 76 -11.69 -11.17 31.40
N ILE K 77 -10.95 -10.27 32.11
CA ILE K 77 -9.71 -10.59 32.82
C ILE K 77 -10.04 -10.91 34.28
N LEU K 78 -9.77 -12.15 34.70
CA LEU K 78 -10.02 -12.63 36.04
C LEU K 78 -8.80 -12.47 36.93
N LYS K 79 -8.99 -12.47 38.26
CA LYS K 79 -7.89 -12.38 39.24
C LYS K 79 -7.35 -13.77 39.64
N GLY K 80 -7.78 -14.80 38.93
CA GLY K 80 -7.39 -16.19 39.12
C GLY K 80 -8.11 -17.10 38.14
N GLU K 81 -8.09 -18.41 38.39
CA GLU K 81 -8.82 -19.37 37.55
C GLU K 81 -10.30 -19.30 37.90
N ILE K 82 -11.19 -19.45 36.91
CA ILE K 82 -12.64 -19.36 37.15
C ILE K 82 -13.13 -20.46 38.14
N GLU K 83 -12.49 -21.65 38.12
CA GLU K 83 -12.81 -22.76 39.03
C GLU K 83 -12.48 -22.43 40.50
N ASP K 84 -11.59 -21.46 40.74
CA ASP K 84 -11.20 -21.01 42.08
C ASP K 84 -12.16 -19.95 42.61
N TYR K 85 -13.07 -19.49 41.75
CA TYR K 85 -14.09 -18.51 42.11
C TYR K 85 -15.26 -19.20 42.80
N PRO K 86 -15.79 -18.64 43.90
CA PRO K 86 -16.95 -19.27 44.55
C PRO K 86 -18.23 -19.07 43.74
N SER K 88 -21.09 -18.03 44.69
CA SER K 88 -21.73 -16.80 45.17
C SER K 88 -21.26 -15.53 44.45
N SER K 89 -20.04 -15.56 43.87
CA SER K 89 -19.48 -14.41 43.17
C SER K 89 -20.24 -14.08 41.89
N GLU K 90 -20.44 -12.78 41.64
CA GLU K 90 -21.14 -12.21 40.48
C GLU K 90 -20.57 -12.66 39.15
N ILE K 91 -19.24 -12.86 39.08
CA ILE K 91 -18.56 -13.28 37.87
C ILE K 91 -18.75 -14.77 37.58
N LYS K 92 -18.72 -15.63 38.61
CA LYS K 92 -18.95 -17.06 38.40
C LYS K 92 -20.42 -17.30 38.04
N ILE K 93 -21.34 -16.46 38.59
CA ILE K 93 -22.78 -16.49 38.28
C ILE K 93 -22.97 -16.21 36.77
N TYR K 94 -22.28 -15.17 36.25
CA TYR K 94 -22.32 -14.79 34.84
C TYR K 94 -21.66 -15.85 33.95
N TYR K 95 -20.53 -16.45 34.41
CA TYR K 95 -19.80 -17.49 33.69
C TYR K 95 -20.72 -18.68 33.44
N ASN K 96 -21.39 -19.19 34.52
CA ASN K 96 -22.33 -20.32 34.51
C ASN K 96 -23.60 -20.03 33.71
N GLU K 97 -23.98 -18.74 33.64
CA GLU K 97 -25.13 -18.22 32.89
C GLU K 97 -24.86 -18.44 31.39
N LEU K 98 -23.64 -18.07 30.93
CA LEU K 98 -23.20 -18.21 29.54
C LEU K 98 -22.90 -19.65 29.13
N GLN K 99 -22.56 -20.54 30.09
CA GLN K 99 -22.25 -21.96 29.83
C GLN K 99 -23.46 -22.65 29.20
N ASN K 100 -24.64 -22.43 29.83
CA ASN K 100 -25.94 -22.98 29.49
C ASN K 100 -26.51 -22.32 28.20
N LYS K 101 -26.10 -21.04 27.97
CA LYS K 101 -26.53 -20.20 26.85
C LYS K 101 -25.36 -19.85 25.93
N LYS K 105 -24.72 -15.18 24.01
CA LYS K 105 -24.10 -13.85 24.06
C LYS K 105 -22.62 -13.81 23.64
N LYS K 106 -21.80 -14.80 24.10
CA LYS K 106 -20.36 -14.97 23.78
C LYS K 106 -19.41 -13.89 24.36
N ALA K 107 -18.47 -14.32 25.23
CA ALA K 107 -17.42 -13.52 25.87
C ALA K 107 -16.32 -14.45 26.36
N ARG K 108 -15.04 -14.01 26.23
CA ARG K 108 -13.86 -14.77 26.63
C ARG K 108 -13.56 -14.52 28.09
N PHE K 109 -13.33 -15.57 28.87
CA PHE K 109 -12.97 -15.47 30.28
C PHE K 109 -11.54 -15.94 30.39
N TRP K 110 -10.61 -14.99 30.62
CA TRP K 110 -9.20 -15.32 30.73
C TRP K 110 -8.74 -15.19 32.16
N SER K 111 -8.09 -16.25 32.66
CA SER K 111 -7.53 -16.22 34.01
C SER K 111 -6.41 -15.20 33.99
N PHE K 112 -6.03 -14.80 35.20
CA PHE K 112 -4.97 -13.86 35.50
C PHE K 112 -3.69 -14.27 34.76
N LYS K 114 -3.39 -16.60 32.16
CA LYS K 114 -3.57 -16.68 30.71
C LYS K 114 -3.35 -15.29 30.07
N THR K 115 -3.90 -14.24 30.73
CA THR K 115 -3.78 -12.84 30.29
C THR K 115 -2.32 -12.41 30.29
N GLN K 116 -1.58 -12.79 31.35
CA GLN K 116 -0.16 -12.51 31.48
C GLN K 116 0.64 -13.09 30.29
N ARG K 117 0.31 -14.34 29.89
CA ARG K 117 0.91 -15.05 28.75
C ARG K 117 0.53 -14.37 27.44
N PHE K 118 -0.76 -14.00 27.27
CA PHE K 118 -1.27 -13.35 26.06
C PHE K 118 -0.54 -12.04 25.81
N VAL K 119 -0.55 -11.18 26.82
CA VAL K 119 0.08 -9.87 26.79
C VAL K 119 1.62 -10.02 26.53
N SER K 120 2.26 -11.09 27.04
CA SER K 120 3.67 -11.38 26.80
C SER K 120 3.89 -11.75 25.32
N ASN K 121 2.93 -12.49 24.74
CA ASN K 121 2.96 -12.92 23.33
C ASN K 121 2.67 -11.73 22.41
N GLY K 123 3.91 -8.79 23.06
CA GLY K 123 5.16 -8.04 23.20
C GLY K 123 5.29 -7.23 24.47
N PHE K 124 4.40 -7.48 25.47
CA PHE K 124 4.33 -6.75 26.74
C PHE K 124 4.35 -7.71 27.91
N ASP K 125 5.49 -7.90 28.52
CA ASP K 125 5.64 -8.81 29.64
C ASP K 125 5.57 -8.01 30.94
N ILE K 126 4.88 -8.56 31.98
CA ILE K 126 4.71 -7.92 33.28
C ILE K 126 5.40 -8.73 34.39
N GLN K 127 6.36 -9.59 33.96
CA GLN K 127 7.22 -10.51 34.70
C GLN K 127 6.50 -11.84 35.00
N SER L 3 -10.56 -15.57 11.72
CA SER L 3 -11.74 -14.70 11.70
C SER L 3 -11.70 -13.67 12.87
N THR L 4 -12.79 -13.57 13.71
CA THR L 4 -12.89 -12.67 14.87
C THR L 4 -12.78 -13.50 16.17
N ASP L 5 -12.93 -14.85 16.05
CA ASP L 5 -12.78 -15.81 17.16
C ASP L 5 -11.63 -16.82 16.85
N LEU L 6 -10.42 -16.22 16.73
CA LEU L 6 -9.13 -16.88 16.50
C LEU L 6 -8.53 -17.26 17.86
N PRO L 7 -7.63 -18.28 17.95
CA PRO L 7 -7.11 -18.68 19.27
C PRO L 7 -6.32 -17.63 20.04
N ASP L 9 -4.08 -18.56 22.14
CA ASP L 9 -2.78 -19.21 22.17
C ASP L 9 -2.11 -19.14 20.79
N PRO L 10 -0.79 -18.83 20.74
CA PRO L 10 -0.12 -18.74 19.44
C PRO L 10 -0.04 -20.07 18.71
N PRO L 11 0.19 -20.08 17.37
CA PRO L 11 0.35 -21.36 16.65
C PRO L 11 1.56 -22.19 17.13
N SER L 12 1.37 -23.53 17.20
CA SER L 12 2.36 -24.49 17.69
C SER L 12 3.31 -25.01 16.61
N LEU M 11 -16.21 44.93 -22.38
CA LEU M 11 -17.35 44.99 -21.45
C LEU M 11 -17.50 46.38 -20.80
N SER M 12 -18.77 46.82 -20.63
CA SER M 12 -19.17 48.10 -20.03
C SER M 12 -19.99 47.80 -18.81
N LYS M 13 -20.19 48.80 -17.92
CA LYS M 13 -20.96 48.63 -16.68
C LYS M 13 -22.41 48.23 -16.95
N SER M 14 -23.02 48.82 -18.02
CA SER M 14 -24.39 48.53 -18.43
C SER M 14 -24.54 47.06 -18.84
N SER M 15 -23.56 46.56 -19.67
CA SER M 15 -23.47 45.18 -20.16
C SER M 15 -23.23 44.21 -19.00
N TRP M 16 -22.35 44.62 -18.06
CA TRP M 16 -21.97 43.87 -16.86
C TRP M 16 -23.19 43.68 -15.96
N ARG M 17 -23.98 44.75 -15.73
CA ARG M 17 -25.18 44.73 -14.90
C ARG M 17 -26.25 43.83 -15.50
N GLN M 18 -26.49 43.92 -16.83
CA GLN M 18 -27.46 43.10 -17.56
C GLN M 18 -27.10 41.61 -17.50
N GLU M 19 -25.80 41.29 -17.63
CA GLU M 19 -25.25 39.94 -17.52
C GLU M 19 -25.51 39.40 -16.11
N TRP M 20 -25.25 40.23 -15.05
CA TRP M 20 -25.48 39.87 -13.66
C TRP M 20 -26.96 39.66 -13.36
N LEU M 21 -27.83 40.56 -13.88
CA LEU M 21 -29.29 40.49 -13.71
C LEU M 21 -29.87 39.17 -14.23
N ALA M 22 -29.41 38.70 -15.39
CA ALA M 22 -29.85 37.45 -16.01
C ALA M 22 -29.36 36.25 -15.22
N ASN M 23 -28.11 36.30 -14.75
CA ASN M 23 -27.51 35.25 -13.89
C ASN M 23 -28.21 35.12 -12.54
N LEU M 24 -28.54 36.25 -11.90
CA LEU M 24 -29.18 36.26 -10.58
C LEU M 24 -30.53 35.57 -10.52
N LYS M 25 -31.23 35.50 -11.66
CA LYS M 25 -32.53 34.86 -11.80
C LYS M 25 -32.35 33.34 -11.69
N LEU M 26 -31.11 32.85 -11.89
CA LEU M 26 -30.71 31.42 -11.90
C LEU M 26 -29.69 31.09 -10.81
N ILE M 27 -29.58 31.92 -9.79
CA ILE M 27 -28.66 31.61 -8.73
C ILE M 27 -29.44 31.54 -7.41
N SER M 28 -28.88 30.79 -6.43
N SER M 28 -28.87 30.80 -6.44
CA SER M 28 -29.44 30.64 -5.09
CA SER M 28 -29.41 30.64 -5.11
C SER M 28 -28.57 31.42 -4.13
C SER M 28 -28.54 31.45 -4.15
N VAL M 29 -29.18 32.25 -3.28
CA VAL M 29 -28.49 33.10 -2.31
C VAL M 29 -28.78 32.64 -0.90
N SER M 30 -27.73 32.55 -0.08
CA SER M 30 -27.89 32.18 1.33
C SER M 30 -27.35 33.33 2.20
N LEU M 31 -28.13 33.78 3.20
CA LEU M 31 -27.75 34.81 4.16
C LEU M 31 -27.57 34.09 5.49
N VAL M 32 -26.32 34.00 5.94
CA VAL M 32 -25.90 33.27 7.17
C VAL M 32 -26.49 33.85 8.48
N ASP M 33 -26.54 33.00 9.53
CA ASP M 33 -27.04 33.34 10.85
C ASP M 33 -25.94 33.80 11.78
N GLU M 34 -24.76 33.16 11.68
CA GLU M 34 -23.61 33.42 12.54
C GLU M 34 -23.03 34.80 12.39
N PHE M 35 -22.66 35.39 13.53
CA PHE M 35 -22.03 36.70 13.62
C PHE M 35 -20.55 36.39 13.86
N PRO M 36 -19.64 37.11 13.16
CA PRO M 36 -18.23 36.74 13.25
C PRO M 36 -17.55 36.97 14.59
N SER M 37 -17.92 38.06 15.27
CA SER M 37 -17.24 38.40 16.50
C SER M 37 -18.18 38.68 17.69
N GLU M 38 -17.62 39.30 18.73
CA GLU M 38 -18.32 39.66 19.95
C GLU M 38 -18.85 41.06 19.79
N LEU M 39 -20.15 41.13 19.52
CA LEU M 39 -20.86 42.36 19.28
C LEU M 39 -21.88 42.65 20.39
N SER M 40 -22.46 43.85 20.40
CA SER M 40 -23.50 44.24 21.36
C SER M 40 -24.87 43.90 20.76
N ASP M 41 -25.95 43.96 21.56
CA ASP M 41 -27.32 43.73 21.11
C ASP M 41 -27.69 44.74 20.02
N SER M 42 -27.18 46.00 20.14
CA SER M 42 -27.38 47.13 19.22
C SER M 42 -26.72 46.86 17.89
N ASP M 43 -25.42 46.47 17.93
CA ASP M 43 -24.64 46.14 16.72
C ASP M 43 -25.25 44.98 15.97
N ARG M 44 -25.68 43.92 16.70
CA ARG M 44 -26.32 42.74 16.10
C ARG M 44 -27.62 43.09 15.42
N GLN M 45 -28.43 43.98 16.04
CA GLN M 45 -29.71 44.47 15.51
C GLN M 45 -29.50 45.28 14.22
N ILE M 46 -28.50 46.18 14.21
CA ILE M 46 -28.16 47.00 13.02
C ILE M 46 -27.78 46.09 11.85
N ILE M 47 -26.89 45.10 12.06
CA ILE M 47 -26.47 44.14 11.05
C ILE M 47 -27.70 43.37 10.52
N ASN M 48 -28.50 42.81 11.45
CA ASN M 48 -29.70 42.05 11.14
C ASN M 48 -30.72 42.80 10.30
N GLU M 49 -30.98 44.10 10.61
CA GLU M 49 -31.88 44.96 9.84
C GLU M 49 -31.40 45.11 8.39
N LYS M 50 -30.06 45.23 8.19
CA LYS M 50 -29.41 45.37 6.89
C LYS M 50 -29.46 44.06 6.14
N GLN M 52 -31.75 41.68 6.53
CA GLN M 52 -33.16 41.54 6.15
C GLN M 52 -33.49 42.33 4.87
N LEU M 53 -32.90 43.55 4.74
CA LEU M 53 -33.07 44.43 3.61
C LEU M 53 -32.47 43.86 2.35
N LEU M 54 -31.26 43.24 2.47
CA LEU M 54 -30.54 42.61 1.36
C LEU M 54 -31.29 41.39 0.86
N LYS M 55 -31.85 40.59 1.80
CA LYS M 55 -32.66 39.40 1.53
C LYS M 55 -33.85 39.77 0.65
N ASP M 56 -34.50 40.92 0.94
CA ASP M 56 -35.63 41.45 0.20
C ASP M 56 -35.21 41.86 -1.19
N ILE M 57 -34.04 42.50 -1.33
CA ILE M 57 -33.53 42.93 -2.63
C ILE M 57 -33.20 41.71 -3.49
N PHE M 58 -32.52 40.73 -2.92
CA PHE M 58 -32.19 39.52 -3.67
C PHE M 58 -33.41 38.73 -4.11
N ALA M 59 -34.42 38.62 -3.27
CA ALA M 59 -35.63 37.86 -3.59
C ALA M 59 -36.63 38.56 -4.47
N ASN M 60 -36.92 39.84 -4.17
CA ASN M 60 -37.94 40.59 -4.87
C ASN M 60 -37.44 41.46 -6.01
N ASN M 61 -36.23 42.01 -5.90
CA ASN M 61 -35.70 42.87 -6.95
C ASN M 61 -34.77 42.13 -7.91
N LEU M 62 -33.81 41.36 -7.37
CA LEU M 62 -32.84 40.61 -8.17
C LEU M 62 -33.37 39.26 -8.66
N LYS M 63 -34.44 38.76 -8.01
CA LYS M 63 -35.19 37.55 -8.36
C LYS M 63 -34.42 36.22 -8.11
N SER M 64 -33.52 36.20 -7.14
CA SER M 64 -32.75 35.00 -6.75
C SER M 64 -33.55 34.15 -5.83
N ALA M 65 -33.14 32.88 -5.64
CA ALA M 65 -33.81 31.96 -4.72
C ALA M 65 -33.14 32.04 -3.38
N ILE M 66 -33.90 32.28 -2.31
CA ILE M 66 -33.32 32.37 -0.95
C ILE M 66 -33.17 30.95 -0.40
N SER M 67 -31.95 30.58 -0.03
CA SER M 67 -31.63 29.29 0.53
C SER M 67 -31.39 29.35 2.04
N ASN M 68 -31.87 28.32 2.76
CA ASN M 68 -31.66 28.19 4.20
C ASN M 68 -30.39 27.42 4.49
N ASN M 69 -29.87 26.74 3.48
CA ASN M 69 -28.64 25.96 3.58
C ASN M 69 -27.58 26.64 2.71
N PHE M 70 -26.53 27.18 3.34
CA PHE M 70 -25.45 27.88 2.63
C PHE M 70 -24.60 26.94 1.78
N ARG M 71 -24.69 25.60 2.04
CA ARG M 71 -23.99 24.56 1.26
C ARG M 71 -24.76 24.26 -0.02
N GLU M 72 -26.00 24.79 -0.14
CA GLU M 72 -26.89 24.65 -1.27
C GLU M 72 -27.21 26.03 -1.84
N SER M 73 -26.16 26.80 -2.20
CA SER M 73 -26.26 28.14 -2.76
C SER M 73 -25.01 28.53 -3.56
N ASP M 74 -25.17 29.50 -4.48
CA ASP M 74 -24.12 30.05 -5.33
C ASP M 74 -23.44 31.27 -4.73
N ILE M 75 -24.22 32.09 -4.02
CA ILE M 75 -23.75 33.28 -3.29
C ILE M 75 -24.11 33.12 -1.80
N ILE M 76 -23.13 33.38 -0.91
CA ILE M 76 -23.32 33.38 0.54
C ILE M 76 -23.06 34.80 1.08
N ILE M 77 -24.09 35.42 1.68
CA ILE M 77 -24.01 36.73 2.35
C ILE M 77 -23.66 36.52 3.84
N LEU M 78 -22.53 37.05 4.27
CA LEU M 78 -22.01 36.94 5.64
C LEU M 78 -22.38 38.17 6.46
N LYS M 79 -22.31 38.08 7.83
CA LYS M 79 -22.59 39.21 8.74
C LYS M 79 -21.32 40.02 9.10
N GLY M 80 -20.25 39.73 8.36
CA GLY M 80 -18.93 40.34 8.46
C GLY M 80 -17.94 39.74 7.47
N GLU M 81 -16.64 40.01 7.64
CA GLU M 81 -15.60 39.44 6.74
C GLU M 81 -15.36 37.99 7.14
N ILE M 82 -15.05 37.10 6.19
CA ILE M 82 -14.82 35.68 6.49
C ILE M 82 -13.64 35.48 7.44
N GLU M 83 -12.59 36.33 7.35
CA GLU M 83 -11.40 36.30 8.20
C GLU M 83 -11.73 36.61 9.67
N ASP M 84 -12.88 37.28 9.93
CA ASP M 84 -13.34 37.63 11.27
C ASP M 84 -14.12 36.49 11.92
N TYR M 85 -14.58 35.52 11.12
CA TYR M 85 -15.32 34.37 11.62
C TYR M 85 -14.40 33.39 12.33
N PRO M 86 -14.81 32.80 13.47
CA PRO M 86 -13.93 31.83 14.15
C PRO M 86 -13.86 30.50 13.39
N SER M 88 -14.23 27.52 14.51
CA SER M 88 -15.30 26.66 15.04
C SER M 88 -16.66 26.89 14.34
N SER M 89 -16.86 28.07 13.72
CA SER M 89 -18.09 28.44 13.03
C SER M 89 -18.31 27.59 11.79
N GLU M 90 -19.54 27.05 11.63
CA GLU M 90 -20.00 26.19 10.53
C GLU M 90 -19.67 26.78 9.15
N ILE M 91 -19.79 28.11 9.02
CA ILE M 91 -19.55 28.83 7.79
C ILE M 91 -18.06 28.88 7.42
N LYS M 92 -17.14 29.19 8.39
CA LYS M 92 -15.69 29.22 8.17
C LYS M 92 -15.14 27.80 7.92
N ILE M 93 -15.80 26.76 8.52
CA ILE M 93 -15.45 25.36 8.29
C ILE M 93 -15.66 25.12 6.79
N TYR M 94 -16.89 25.43 6.30
CA TYR M 94 -17.31 25.29 4.91
C TYR M 94 -16.39 26.04 3.96
N TYR M 95 -15.99 27.27 4.33
CA TYR M 95 -15.09 28.11 3.54
C TYR M 95 -13.73 27.44 3.32
N ASN M 96 -13.11 26.97 4.41
CA ASN M 96 -11.81 26.29 4.45
C ASN M 96 -11.85 24.93 3.75
N GLU M 97 -13.04 24.30 3.73
CA GLU M 97 -13.32 23.01 3.09
C GLU M 97 -13.18 23.20 1.57
N LEU M 98 -13.77 24.29 1.04
CA LEU M 98 -13.74 24.65 -0.38
C LEU M 98 -12.38 25.18 -0.85
N GLN M 99 -11.55 25.75 0.07
CA GLN M 99 -10.22 26.29 -0.24
C GLN M 99 -9.29 25.18 -0.75
N ASN M 100 -9.30 24.03 -0.05
CA ASN M 100 -8.50 22.85 -0.30
C ASN M 100 -8.93 22.07 -1.55
N LYS M 101 -10.24 21.95 -1.80
CA LYS M 101 -10.81 21.17 -2.90
C LYS M 101 -10.78 21.87 -4.27
N PRO M 102 -10.63 21.10 -5.39
CA PRO M 102 -10.68 21.73 -6.73
C PRO M 102 -12.12 21.77 -7.30
N ASP M 103 -12.69 23.00 -7.39
CA ASP M 103 -14.05 23.35 -7.87
C ASP M 103 -15.20 22.93 -6.94
N LYS M 106 -17.52 25.03 -5.82
CA LYS M 106 -17.39 26.50 -5.83
C LYS M 106 -18.59 27.24 -5.16
N ALA M 107 -18.38 28.51 -4.70
CA ALA M 107 -19.37 29.38 -4.01
C ALA M 107 -18.77 30.75 -3.67
N ARG M 108 -19.52 31.85 -3.94
CA ARG M 108 -19.06 33.22 -3.63
C ARG M 108 -19.39 33.54 -2.17
N PHE M 109 -18.37 33.94 -1.38
CA PHE M 109 -18.56 34.32 0.01
C PHE M 109 -18.41 35.83 0.06
N TRP M 110 -19.54 36.56 0.21
CA TRP M 110 -19.52 38.01 0.23
C TRP M 110 -19.77 38.52 1.64
N SER M 111 -18.92 39.43 2.13
CA SER M 111 -19.15 40.07 3.42
C SER M 111 -20.41 40.91 3.28
N PHE M 112 -21.01 41.32 4.36
CA PHE M 112 -22.26 42.05 4.25
C PHE M 112 -22.05 43.46 3.65
N LYS M 114 -19.58 44.07 1.18
CA LYS M 114 -19.28 43.73 -0.22
C LYS M 114 -20.61 43.64 -0.99
N THR M 115 -21.58 42.89 -0.43
CA THR M 115 -22.94 42.69 -0.95
C THR M 115 -23.65 44.03 -1.13
N GLN M 116 -23.62 44.90 -0.10
CA GLN M 116 -24.21 46.25 -0.13
C GLN M 116 -23.72 47.04 -1.36
N ARG M 117 -22.39 46.99 -1.65
CA ARG M 117 -21.73 47.64 -2.80
C ARG M 117 -22.22 47.05 -4.11
N PHE M 118 -22.26 45.69 -4.16
CA PHE M 118 -22.73 44.95 -5.33
C PHE M 118 -24.18 45.33 -5.61
N VAL M 119 -25.04 45.31 -4.57
CA VAL M 119 -26.46 45.63 -4.68
C VAL M 119 -26.66 47.07 -5.20
N SER M 120 -25.80 47.99 -4.75
CA SER M 120 -25.80 49.41 -5.12
C SER M 120 -25.44 49.56 -6.60
N ASN M 121 -24.53 48.70 -7.10
CA ASN M 121 -24.09 48.66 -8.50
C ASN M 121 -25.18 48.06 -9.38
N GLY M 123 -28.32 48.82 -8.90
CA GLY M 123 -29.29 49.91 -8.93
C GLY M 123 -30.24 49.96 -7.74
N PHE M 124 -29.82 49.34 -6.63
CA PHE M 124 -30.61 49.28 -5.40
C PHE M 124 -29.73 49.75 -4.23
N ASP M 125 -29.85 51.04 -3.83
CA ASP M 125 -29.06 51.67 -2.76
C ASP M 125 -29.16 51.01 -1.38
N ILE M 126 -28.13 51.24 -0.53
CA ILE M 126 -27.98 50.74 0.85
C ILE M 126 -29.22 51.03 1.71
N SER N 3 -18.19 33.19 -18.62
CA SER N 3 -19.31 32.27 -18.43
C SER N 3 -20.37 32.81 -17.42
N THR N 4 -20.52 32.16 -16.20
CA THR N 4 -21.48 32.53 -15.13
C THR N 4 -20.71 32.96 -13.84
N ASP N 5 -19.36 32.99 -13.95
CA ASP N 5 -18.49 33.46 -12.86
C ASP N 5 -17.65 34.68 -13.33
N LEU N 6 -18.41 35.76 -13.63
CA LEU N 6 -17.95 37.08 -14.03
C LEU N 6 -17.67 37.91 -12.76
N PRO N 7 -16.83 38.98 -12.79
CA PRO N 7 -16.53 39.72 -11.55
C PRO N 7 -17.70 40.41 -10.86
N ASP N 9 -17.16 43.01 -9.04
CA ASP N 9 -16.73 44.40 -9.17
C ASP N 9 -16.95 44.89 -10.59
N PRO N 10 -17.50 46.12 -10.76
CA PRO N 10 -17.79 46.63 -12.12
C PRO N 10 -16.55 46.81 -12.99
N PRO N 11 -16.72 46.77 -14.33
CA PRO N 11 -15.56 46.96 -15.22
C PRO N 11 -14.96 48.38 -15.14
N SER N 12 -13.65 48.47 -15.40
CA SER N 12 -12.87 49.71 -15.35
C SER N 12 -12.79 50.38 -16.73
N SER O 12 15.05 -25.51 -28.99
CA SER O 12 13.81 -25.06 -28.36
C SER O 12 13.63 -25.76 -27.02
N LYS O 13 12.72 -25.25 -26.15
CA LYS O 13 12.47 -25.87 -24.84
C LYS O 13 11.91 -27.30 -24.98
N SER O 14 11.07 -27.53 -26.00
CA SER O 14 10.46 -28.83 -26.29
C SER O 14 11.55 -29.83 -26.66
N SER O 15 12.50 -29.42 -27.53
CA SER O 15 13.64 -30.21 -27.99
C SER O 15 14.61 -30.47 -26.85
N TRP O 16 14.83 -29.45 -25.98
CA TRP O 16 15.68 -29.49 -24.80
C TRP O 16 15.16 -30.53 -23.79
N ARG O 17 13.84 -30.51 -23.53
CA ARG O 17 13.17 -31.43 -22.61
C ARG O 17 13.25 -32.87 -23.11
N GLN O 18 13.01 -33.08 -24.42
CA GLN O 18 13.09 -34.41 -25.06
C GLN O 18 14.50 -34.99 -24.99
N GLU O 19 15.53 -34.13 -25.19
CA GLU O 19 16.96 -34.48 -25.08
C GLU O 19 17.27 -34.89 -23.63
N TRP O 20 16.77 -34.13 -22.63
CA TRP O 20 16.94 -34.45 -21.22
C TRP O 20 16.26 -35.74 -20.82
N LEU O 21 15.00 -35.95 -21.28
CA LEU O 21 14.20 -37.14 -21.01
C LEU O 21 14.90 -38.42 -21.47
N ALA O 22 15.55 -38.39 -22.65
CA ALA O 22 16.26 -39.53 -23.23
C ALA O 22 17.53 -39.81 -22.45
N ASN O 23 18.25 -38.75 -22.05
CA ASN O 23 19.47 -38.85 -21.26
C ASN O 23 19.19 -39.41 -19.88
N LEU O 24 18.13 -38.93 -19.21
CA LEU O 24 17.76 -39.35 -17.84
C LEU O 24 17.50 -40.84 -17.70
N LYS O 25 17.13 -41.50 -18.80
CA LYS O 25 16.88 -42.94 -18.85
C LYS O 25 18.21 -43.71 -18.72
N LEU O 26 19.33 -43.01 -19.04
CA LEU O 26 20.69 -43.54 -19.04
C LEU O 26 21.59 -42.90 -17.97
N ILE O 27 20.98 -42.22 -16.96
CA ILE O 27 21.78 -41.61 -15.91
C ILE O 27 21.42 -42.22 -14.53
N SER O 28 22.41 -42.16 -13.62
CA SER O 28 22.32 -42.59 -12.23
C SER O 28 22.25 -41.34 -11.36
N VAL O 29 21.22 -41.26 -10.52
CA VAL O 29 20.98 -40.11 -9.62
C VAL O 29 21.23 -40.53 -8.18
N SER O 30 21.94 -39.69 -7.44
CA SER O 30 22.16 -39.93 -6.02
C SER O 30 21.70 -38.72 -5.24
N LEU O 31 20.85 -38.95 -4.23
CA LEU O 31 20.29 -37.94 -3.34
C LEU O 31 21.05 -38.12 -2.03
N VAL O 32 21.90 -37.13 -1.70
CA VAL O 32 22.77 -37.12 -0.52
C VAL O 32 21.99 -37.15 0.82
N ASP O 33 22.65 -37.62 1.89
CA ASP O 33 22.12 -37.69 3.26
C ASP O 33 22.43 -36.42 4.03
N GLU O 34 23.64 -35.87 3.86
CA GLU O 34 24.12 -34.70 4.60
C GLU O 34 23.32 -33.44 4.32
N PHE O 35 23.00 -32.69 5.41
CA PHE O 35 22.29 -31.41 5.43
C PHE O 35 23.35 -30.31 5.45
N PRO O 36 23.09 -29.16 4.77
CA PRO O 36 24.13 -28.10 4.68
C PRO O 36 24.53 -27.46 6.01
N SER O 37 23.84 -26.38 6.40
CA SER O 37 24.10 -25.68 7.65
C SER O 37 23.36 -26.38 8.79
N GLU O 38 23.58 -25.91 10.04
CA GLU O 38 22.88 -26.40 11.22
C GLU O 38 21.45 -25.87 11.03
N LEU O 39 20.50 -26.81 10.95
CA LEU O 39 19.07 -26.58 10.73
C LEU O 39 18.27 -27.07 11.95
N SER O 40 16.94 -26.81 11.97
CA SER O 40 16.05 -27.29 13.04
C SER O 40 15.47 -28.65 12.63
N ASP O 41 14.83 -29.39 13.56
CA ASP O 41 14.18 -30.67 13.28
C ASP O 41 13.08 -30.47 12.23
N SER O 42 12.38 -29.30 12.29
CA SER O 42 11.31 -28.87 11.38
C SER O 42 11.85 -28.67 9.97
N ASP O 43 12.94 -27.88 9.84
CA ASP O 43 13.59 -27.58 8.57
C ASP O 43 14.10 -28.84 7.91
N ARG O 44 14.73 -29.74 8.70
CA ARG O 44 15.25 -31.03 8.21
C ARG O 44 14.14 -31.91 7.68
N GLN O 45 12.98 -31.95 8.37
CA GLN O 45 11.79 -32.71 8.00
C GLN O 45 11.20 -32.19 6.67
N ILE O 46 11.08 -30.85 6.53
CA ILE O 46 10.56 -30.21 5.32
C ILE O 46 11.43 -30.56 4.10
N ILE O 47 12.77 -30.41 4.23
CA ILE O 47 13.73 -30.76 3.17
C ILE O 47 13.59 -32.24 2.80
N ASN O 48 13.62 -33.12 3.81
CA ASN O 48 13.50 -34.58 3.66
C ASN O 48 12.24 -34.99 2.91
N GLU O 49 11.06 -34.39 3.23
CA GLU O 49 9.80 -34.68 2.55
C GLU O 49 9.88 -34.33 1.05
N LYS O 50 10.56 -33.22 0.73
CA LYS O 50 10.79 -32.74 -0.64
C LYS O 50 11.79 -33.64 -1.37
N GLN O 52 12.32 -36.84 -0.71
CA GLN O 52 11.57 -38.08 -0.93
C GLN O 52 10.72 -37.97 -2.20
N LEU O 53 10.10 -36.78 -2.42
CA LEU O 53 9.27 -36.48 -3.60
C LEU O 53 10.12 -36.45 -4.87
N LEU O 54 11.33 -35.83 -4.82
CA LEU O 54 12.28 -35.75 -5.93
C LEU O 54 12.80 -37.13 -6.32
N LYS O 55 13.09 -37.99 -5.31
CA LYS O 55 13.53 -39.38 -5.48
C LYS O 55 12.50 -40.13 -6.34
N ASP O 56 11.21 -39.95 -6.03
CA ASP O 56 10.11 -40.56 -6.73
C ASP O 56 9.99 -40.03 -8.16
N ILE O 57 10.18 -38.72 -8.36
CA ILE O 57 10.10 -38.09 -9.68
C ILE O 57 11.21 -38.61 -10.56
N PHE O 58 12.43 -38.71 -10.00
CA PHE O 58 13.56 -39.22 -10.77
C PHE O 58 13.43 -40.68 -11.16
N ALA O 59 13.02 -41.54 -10.22
CA ALA O 59 12.88 -42.97 -10.46
C ALA O 59 11.67 -43.38 -11.30
N ASN O 60 10.49 -42.82 -11.00
CA ASN O 60 9.24 -43.22 -11.65
C ASN O 60 8.83 -42.37 -12.82
N ASN O 61 9.14 -41.07 -12.79
CA ASN O 61 8.73 -40.19 -13.90
C ASN O 61 9.83 -39.96 -14.93
N LEU O 62 11.05 -39.60 -14.46
CA LEU O 62 12.19 -39.33 -15.32
C LEU O 62 12.93 -40.61 -15.76
N LYS O 63 12.72 -41.75 -15.02
CA LYS O 63 13.19 -43.11 -15.28
C LYS O 63 14.71 -43.32 -15.07
N SER O 64 15.33 -42.55 -14.16
CA SER O 64 16.74 -42.65 -13.83
C SER O 64 16.94 -43.74 -12.78
N ALA O 65 18.21 -44.19 -12.59
CA ALA O 65 18.54 -45.19 -11.60
C ALA O 65 18.95 -44.49 -10.30
N ILE O 66 18.33 -44.87 -9.17
CA ILE O 66 18.69 -44.27 -7.89
C ILE O 66 19.91 -44.99 -7.33
N SER O 67 21.00 -44.23 -7.08
CA SER O 67 22.24 -44.72 -6.52
C SER O 67 22.39 -44.38 -5.03
N ASN O 68 22.93 -45.31 -4.25
CA ASN O 68 23.20 -45.14 -2.82
C ASN O 68 24.59 -44.57 -2.59
N ASN O 69 25.42 -44.64 -3.63
CA ASN O 69 26.79 -44.12 -3.61
C ASN O 69 26.84 -42.93 -4.57
N PHE O 70 27.05 -41.73 -4.01
CA PHE O 70 27.11 -40.49 -4.82
C PHE O 70 28.36 -40.42 -5.69
N ARG O 71 29.37 -41.26 -5.39
CA ARG O 71 30.61 -41.34 -6.16
C ARG O 71 30.39 -42.22 -7.41
N GLU O 72 29.24 -42.93 -7.45
CA GLU O 72 28.80 -43.80 -8.54
C GLU O 72 27.47 -43.30 -9.12
N SER O 73 27.46 -42.02 -9.53
CA SER O 73 26.29 -41.36 -10.10
C SER O 73 26.68 -40.18 -11.00
N ASP O 74 25.78 -39.80 -11.92
CA ASP O 74 25.96 -38.71 -12.89
C ASP O 74 25.42 -37.37 -12.38
N ILE O 75 24.29 -37.42 -11.64
CA ILE O 75 23.66 -36.25 -11.04
C ILE O 75 23.50 -36.49 -9.53
N ILE O 76 23.99 -35.53 -8.72
CA ILE O 76 23.95 -35.53 -7.26
C ILE O 76 22.98 -34.42 -6.79
N ILE O 77 21.92 -34.82 -6.05
CA ILE O 77 20.94 -33.92 -5.47
C ILE O 77 21.37 -33.63 -4.04
N LEU O 78 21.63 -32.35 -3.76
CA LEU O 78 22.05 -31.85 -2.44
C LEU O 78 20.84 -31.36 -1.64
N LYS O 79 20.98 -31.25 -0.30
CA LYS O 79 19.92 -30.76 0.60
C LYS O 79 20.01 -29.23 0.85
N GLY O 80 20.84 -28.58 0.04
CA GLY O 80 21.10 -27.14 0.04
C GLY O 80 22.13 -26.77 -1.00
N GLU O 81 22.67 -25.54 -0.93
CA GLU O 81 23.71 -25.08 -1.86
C GLU O 81 25.02 -25.70 -1.40
N ILE O 82 25.90 -26.09 -2.36
CA ILE O 82 27.19 -26.71 -2.01
C ILE O 82 28.08 -25.78 -1.14
N GLU O 83 28.00 -24.45 -1.36
CA GLU O 83 28.72 -23.43 -0.61
C GLU O 83 28.30 -23.36 0.86
N ASP O 84 27.09 -23.86 1.18
CA ASP O 84 26.55 -23.90 2.55
C ASP O 84 27.02 -25.15 3.33
N TYR O 85 27.50 -26.17 2.62
CA TYR O 85 28.02 -27.40 3.23
C TYR O 85 29.38 -27.14 3.89
N PRO O 86 29.64 -27.73 5.09
CA PRO O 86 30.96 -27.53 5.71
C PRO O 86 32.05 -28.34 5.01
N SER O 88 34.25 -30.29 6.29
CA SER O 88 34.31 -31.60 6.96
C SER O 88 33.32 -32.62 6.39
N SER O 89 32.26 -32.15 5.70
CA SER O 89 31.23 -33.00 5.10
C SER O 89 31.78 -33.82 3.92
N GLU O 90 31.40 -35.11 3.87
CA GLU O 90 31.79 -36.10 2.86
C GLU O 90 31.50 -35.68 1.42
N ILE O 91 30.38 -34.98 1.21
CA ILE O 91 29.97 -34.50 -0.10
C ILE O 91 30.79 -33.28 -0.56
N LYS O 92 31.11 -32.34 0.36
CA LYS O 92 31.94 -31.17 0.03
C LYS O 92 33.39 -31.63 -0.24
N ILE O 93 33.85 -32.70 0.48
CA ILE O 93 35.17 -33.32 0.28
C ILE O 93 35.26 -33.87 -1.15
N TYR O 94 34.19 -34.59 -1.61
CA TYR O 94 34.10 -35.14 -2.96
C TYR O 94 33.97 -34.03 -4.01
N TYR O 95 33.20 -32.96 -3.71
CA TYR O 95 33.01 -31.81 -4.60
C TYR O 95 34.36 -31.15 -4.91
N ASN O 96 35.15 -30.84 -3.85
CA ASN O 96 36.48 -30.22 -3.92
C ASN O 96 37.51 -31.13 -4.57
N GLU O 97 37.29 -32.46 -4.48
CA GLU O 97 38.12 -33.51 -5.06
C GLU O 97 38.00 -33.42 -6.59
N LEU O 98 36.76 -33.28 -7.10
CA LEU O 98 36.44 -33.15 -8.53
C LEU O 98 36.83 -31.78 -9.08
N GLN O 99 36.86 -30.75 -8.19
CA GLN O 99 37.20 -29.36 -8.48
C GLN O 99 38.73 -29.15 -8.57
N ASN O 100 39.46 -30.24 -8.88
CA ASN O 100 40.91 -30.29 -9.05
C ASN O 100 41.31 -30.32 -10.55
N LYS O 101 40.31 -30.38 -11.47
CA LYS O 101 40.50 -30.36 -12.92
C LYS O 101 39.90 -29.09 -13.53
N LYS O 106 32.84 -34.47 -15.17
CA LYS O 106 32.47 -35.62 -14.35
C LYS O 106 30.99 -35.59 -13.87
N ALA O 107 30.74 -35.33 -12.54
CA ALA O 107 29.41 -35.35 -11.90
C ALA O 107 28.73 -33.98 -11.79
N ARG O 108 27.38 -33.95 -11.91
CA ARG O 108 26.59 -32.72 -11.76
C ARG O 108 26.14 -32.59 -10.29
N PHE O 109 26.37 -31.44 -9.67
CA PHE O 109 25.97 -31.21 -8.29
C PHE O 109 24.86 -30.17 -8.33
N TRP O 110 23.63 -30.61 -8.04
CA TRP O 110 22.47 -29.73 -8.06
C TRP O 110 21.95 -29.50 -6.65
N SER O 111 21.75 -28.22 -6.27
CA SER O 111 21.15 -27.89 -4.97
C SER O 111 19.71 -28.39 -5.02
N PHE O 112 19.07 -28.54 -3.87
CA PHE O 112 17.72 -29.11 -3.92
C PHE O 112 16.71 -28.14 -4.55
N LYS O 114 17.62 -26.05 -7.19
CA LYS O 114 17.90 -26.16 -8.63
C LYS O 114 17.17 -27.39 -9.17
N THR O 115 17.20 -28.50 -8.42
CA THR O 115 16.53 -29.77 -8.76
C THR O 115 15.02 -29.55 -8.86
N GLN O 116 14.44 -28.79 -7.91
CA GLN O 116 13.02 -28.47 -7.92
C GLN O 116 12.63 -27.72 -9.20
N ARG O 117 13.48 -26.78 -9.65
CA ARG O 117 13.31 -26.00 -10.88
C ARG O 117 13.41 -26.90 -12.09
N PHE O 118 14.45 -27.78 -12.15
CA PHE O 118 14.67 -28.72 -13.24
C PHE O 118 13.43 -29.61 -13.46
N VAL O 119 13.00 -30.27 -12.38
CA VAL O 119 11.86 -31.18 -12.31
C VAL O 119 10.57 -30.51 -12.85
N SER O 120 10.28 -29.23 -12.51
CA SER O 120 9.08 -28.55 -13.03
C SER O 120 9.23 -28.12 -14.51
N ASN O 121 10.48 -27.93 -15.00
CA ASN O 121 10.75 -27.61 -16.42
C ASN O 121 10.65 -28.91 -17.21
N GLY O 123 8.18 -30.95 -16.47
CA GLY O 123 6.73 -31.07 -16.44
C GLY O 123 6.14 -31.72 -15.21
N PHE O 124 6.90 -31.71 -14.10
CA PHE O 124 6.47 -32.32 -12.85
C PHE O 124 6.54 -31.29 -11.72
N ASP O 125 5.40 -30.64 -11.43
CA ASP O 125 5.28 -29.60 -10.41
C ASP O 125 5.49 -30.18 -9.00
N ILE O 126 6.49 -29.65 -8.29
CA ILE O 126 6.85 -30.05 -6.93
C ILE O 126 6.39 -29.01 -5.90
N SER P 3 25.93 -32.79 -26.92
CA SER P 3 25.10 -33.85 -26.34
C SER P 3 25.76 -34.59 -25.14
N THR P 4 24.90 -35.19 -24.26
CA THR P 4 25.12 -35.94 -22.99
C THR P 4 25.35 -34.90 -21.85
N ASP P 5 26.06 -33.79 -22.14
CA ASP P 5 26.31 -32.70 -21.19
C ASP P 5 25.74 -31.36 -21.72
N LEU P 6 24.39 -31.36 -21.87
CA LEU P 6 23.53 -30.26 -22.29
C LEU P 6 23.13 -29.44 -21.04
N PRO P 7 22.75 -28.14 -21.17
CA PRO P 7 22.43 -27.34 -19.97
C PRO P 7 21.25 -27.80 -19.13
N ASP P 9 19.60 -25.69 -17.36
CA ASP P 9 18.70 -24.55 -17.54
C ASP P 9 18.09 -24.56 -18.95
N PRO P 10 16.79 -24.26 -19.11
CA PRO P 10 16.19 -24.27 -20.45
C PRO P 10 16.76 -23.17 -21.37
N PRO P 11 16.67 -23.33 -22.71
CA PRO P 11 17.18 -22.28 -23.61
C PRO P 11 16.44 -20.93 -23.47
N SER P 12 17.21 -19.84 -23.65
CA SER P 12 16.75 -18.45 -23.56
C SER P 12 16.30 -17.89 -24.91
#